data_6CGN
#
_entry.id   6CGN
#
_cell.length_a   72.266
_cell.length_b   72.266
_cell.length_c   292.637
_cell.angle_alpha   90.000
_cell.angle_beta   90.000
_cell.angle_gamma   90.000
#
_symmetry.space_group_name_H-M   'P 43 21 2'
#
loop_
_entity.id
_entity.type
_entity.pdbx_description
1 polymer 'Ribonucleoside-diphosphate reductase'
2 non-polymer "2'-DEOXYADENOSINE-5'-MONOPHOSPHATE"
3 non-polymer 'PHOSPHATE ION'
4 non-polymer 1,2-ETHANEDIOL
5 water water
#
_entity_poly.entity_id   1
_entity_poly.type   'polypeptide(L)'
_entity_poly.pdbx_seq_one_letter_code
;MSQNQVPKWIQLNNEIMIQKDGKFQFDKDKEAVHSYFVDYINQNTVFFHNLKEKLDYLVENQYYEEEFLSLYSFEDIKEV
FKTAYAKKFRFPSFMSAFKFYNDYALKTNDKKKILERYEDRISIVALFFANGDTEKAKEYVNLMINQEYQPSTPTFLNAG
RKRRGELVSCFLLEVNDSLNDISRAIDISMQLSKLGGGVSLNLSKLRAKGEAIKDVENATKGVVGVMKLLDNAFRYADQM
GQRQGSGAAYLNIFHRDINDFLDTKKISADEDVRVKTLSIGVVIPDKFVELAREDKAAYVFYPHTIYKEYGQHMDEMDMN
EMYDKFVDNPRVKKEKINPRKLLEKLAMLRSESGYPYIMFQDNVNKVHANNHISKVKFSNLCSEVLQASQVSSYTDYDEE
DEIGLDISCNLGSLNILNVMEHKSIEKTVKLATDSLTHVSETTDIRNAPAVRRANKAMKSIGLGAMNLHGYLAQNGIAYE
SPEARDFANTFFMMVNFYSIQRSAEIAKEKGETFDQYEGSTYATGEYFDKYVSTDFSPKYEKIANLFEGMHIPTTEDWKK
LKAFVAEHGMYHSYRLCIAPTGSISYVQSSTASVMPIMERIEERTYGNSKTYYPMPGLASNNWFFYKEAYDMDMFKVVDM
IATIQQHIDQGISFTLFLKDTMTTRDLNRIDLYAHHRGIKTIYYARTKDTGQDSCLSCVV
;
_entity_poly.pdbx_strand_id   A
#
loop_
_chem_comp.id
_chem_comp.type
_chem_comp.name
_chem_comp.formula
D5M non-polymer 2'-DEOXYADENOSINE-5'-MONOPHOSPHATE 'C10 H14 N5 O6 P'
EDO non-polymer 1,2-ETHANEDIOL 'C2 H6 O2'
PO4 non-polymer 'PHOSPHATE ION' 'O4 P -3'
#
# COMPACT_ATOMS: atom_id res chain seq x y z
N VAL A 6 -23.53 29.15 6.72
CA VAL A 6 -23.26 27.95 5.89
C VAL A 6 -22.94 28.37 4.45
N PRO A 7 -21.71 28.11 3.96
CA PRO A 7 -21.35 28.44 2.57
C PRO A 7 -22.27 27.83 1.51
N LYS A 8 -22.40 28.52 0.38
CA LYS A 8 -23.29 28.11 -0.70
C LYS A 8 -22.97 26.73 -1.25
N TRP A 9 -21.67 26.45 -1.41
CA TRP A 9 -21.20 25.15 -1.91
C TRP A 9 -21.59 23.98 -0.98
N ILE A 10 -21.62 24.22 0.33
CA ILE A 10 -22.10 23.22 1.30
C ILE A 10 -23.63 23.07 1.24
N GLN A 11 -24.35 24.19 1.14
CA GLN A 11 -25.81 24.17 0.97
C GLN A 11 -26.23 23.37 -0.26
N LEU A 12 -25.57 23.65 -1.39
CA LEU A 12 -25.83 22.94 -2.65
C LEU A 12 -25.49 21.46 -2.55
N ASN A 13 -24.39 21.13 -1.87
CA ASN A 13 -24.01 19.75 -1.60
C ASN A 13 -25.06 19.02 -0.75
N ASN A 14 -25.61 19.71 0.25
CA ASN A 14 -26.68 19.15 1.10
C ASN A 14 -28.00 18.89 0.37
N GLU A 15 -28.25 19.64 -0.71
CA GLU A 15 -29.45 19.44 -1.54
C GLU A 15 -29.49 18.12 -2.33
N ILE A 16 -28.37 17.39 -2.38
CA ILE A 16 -28.34 16.05 -2.99
C ILE A 16 -29.29 15.11 -2.24
N MET A 17 -29.33 15.22 -0.91
CA MET A 17 -30.17 14.35 -0.06
C MET A 17 -31.64 14.75 0.00
N ILE A 18 -31.97 15.98 -0.41
CA ILE A 18 -33.36 16.42 -0.54
C ILE A 18 -33.92 15.81 -1.83
N GLN A 19 -34.96 14.99 -1.70
CA GLN A 19 -35.53 14.25 -2.84
C GLN A 19 -36.27 15.15 -3.83
N LYS A 20 -36.31 14.70 -5.08
CA LYS A 20 -37.03 15.37 -6.15
C LYS A 20 -37.47 14.34 -7.18
N ASP A 21 -38.79 14.21 -7.35
CA ASP A 21 -39.40 13.17 -8.21
C ASP A 21 -39.03 11.74 -7.80
N GLY A 22 -38.86 11.52 -6.49
CA GLY A 22 -38.47 10.22 -5.94
C GLY A 22 -36.99 9.86 -5.99
N LYS A 23 -36.15 10.72 -6.57
CA LYS A 23 -34.72 10.46 -6.73
C LYS A 23 -33.88 11.41 -5.89
N PHE A 24 -32.63 10.99 -5.63
CA PHE A 24 -31.61 11.89 -5.09
C PHE A 24 -31.18 12.85 -6.19
N GLN A 25 -30.93 14.11 -5.83
CA GLN A 25 -30.48 15.12 -6.78
C GLN A 25 -28.96 15.05 -6.93
N PHE A 26 -28.50 14.06 -7.70
CA PHE A 26 -27.06 13.85 -7.88
C PHE A 26 -26.36 15.03 -8.54
N ASP A 27 -27.04 15.68 -9.48
CA ASP A 27 -26.48 16.83 -10.22
C ASP A 27 -26.24 18.09 -9.36
N LYS A 28 -26.85 18.17 -8.18
CA LYS A 28 -26.55 19.25 -7.22
C LYS A 28 -25.10 19.29 -6.73
N ASP A 29 -24.41 18.14 -6.78
CA ASP A 29 -22.99 18.07 -6.47
C ASP A 29 -22.14 18.84 -7.51
N LYS A 30 -22.57 18.81 -8.77
CA LYS A 30 -21.90 19.56 -9.85
C LYS A 30 -22.03 21.07 -9.64
N GLU A 31 -23.19 21.52 -9.16
CA GLU A 31 -23.40 22.92 -8.77
C GLU A 31 -22.57 23.29 -7.53
N ALA A 32 -22.53 22.38 -6.55
CA ALA A 32 -21.75 22.58 -5.32
C ALA A 32 -20.27 22.82 -5.61
N VAL A 33 -19.67 21.97 -6.44
CA VAL A 33 -18.26 22.12 -6.82
C VAL A 33 -18.01 23.40 -7.63
N HIS A 34 -18.93 23.74 -8.52
CA HIS A 34 -18.85 24.99 -9.29
C HIS A 34 -18.84 26.21 -8.36
N SER A 35 -19.70 26.19 -7.36
CA SER A 35 -19.74 27.24 -6.33
C SER A 35 -18.43 27.30 -5.53
N TYR A 36 -17.91 26.14 -5.14
CA TYR A 36 -16.64 26.02 -4.43
C TYR A 36 -15.47 26.73 -5.16
N PHE A 37 -15.46 26.65 -6.49
CA PHE A 37 -14.47 27.37 -7.29
C PHE A 37 -14.77 28.87 -7.42
N VAL A 38 -15.94 29.21 -7.95
CA VAL A 38 -16.27 30.63 -8.24
C VAL A 38 -16.57 31.50 -6.99
N ASP A 39 -16.87 30.88 -5.85
CA ASP A 39 -17.08 31.62 -4.60
C ASP A 39 -15.95 31.51 -3.57
N TYR A 40 -15.00 30.57 -3.75
CA TYR A 40 -13.90 30.39 -2.78
C TYR A 40 -12.52 30.22 -3.42
N ILE A 41 -12.30 29.12 -4.15
CA ILE A 41 -10.95 28.79 -4.67
C ILE A 41 -10.42 29.88 -5.59
N ASN A 42 -11.24 30.31 -6.55
CA ASN A 42 -10.83 31.34 -7.52
C ASN A 42 -10.61 32.73 -6.89
N GLN A 43 -11.12 32.94 -5.68
CA GLN A 43 -10.92 34.18 -4.92
C GLN A 43 -9.68 34.13 -4.02
N ASN A 44 -9.09 32.95 -3.84
CA ASN A 44 -7.93 32.76 -2.97
C ASN A 44 -6.66 32.26 -3.67
N THR A 45 -6.68 32.20 -5.00
CA THR A 45 -5.48 31.91 -5.77
C THR A 45 -4.67 33.19 -5.99
N VAL A 46 -3.35 33.04 -6.08
CA VAL A 46 -2.45 34.18 -6.24
C VAL A 46 -2.31 34.48 -7.73
N PHE A 47 -2.35 35.77 -8.08
CA PHE A 47 -2.17 36.20 -9.46
C PHE A 47 -0.67 36.32 -9.78
N PHE A 48 -0.31 35.90 -10.99
CA PHE A 48 1.01 36.15 -11.56
C PHE A 48 0.86 36.63 -12.99
N HIS A 49 1.73 37.55 -13.41
CA HIS A 49 1.68 38.12 -14.77
C HIS A 49 1.89 37.07 -15.85
N ASN A 50 2.81 36.14 -15.60
CA ASN A 50 3.12 35.05 -16.52
C ASN A 50 3.79 33.87 -15.79
N LEU A 51 4.00 32.77 -16.51
CA LEU A 51 4.59 31.56 -15.93
C LEU A 51 6.04 31.76 -15.46
N LYS A 52 6.80 32.59 -16.18
CA LYS A 52 8.20 32.87 -15.81
C LYS A 52 8.29 33.56 -14.46
N GLU A 53 7.48 34.60 -14.28
CA GLU A 53 7.41 35.32 -12.99
C GLU A 53 7.00 34.39 -11.86
N LYS A 54 6.00 33.54 -12.12
CA LYS A 54 5.48 32.60 -11.12
C LYS A 54 6.55 31.60 -10.66
N LEU A 55 7.24 30.98 -11.61
CA LEU A 55 8.28 29.99 -11.31
C LEU A 55 9.51 30.61 -10.64
N ASP A 56 9.94 31.79 -11.10
CA ASP A 56 11.04 32.51 -10.44
C ASP A 56 10.69 32.87 -9.00
N TYR A 57 9.47 33.34 -8.78
CA TYR A 57 8.98 33.63 -7.43
C TYR A 57 9.03 32.40 -6.52
N LEU A 58 8.54 31.26 -7.02
CA LEU A 58 8.48 30.03 -6.23
C LEU A 58 9.86 29.41 -5.95
N VAL A 59 10.79 29.56 -6.89
CA VAL A 59 12.17 29.13 -6.69
C VAL A 59 12.88 30.05 -5.69
N GLU A 60 12.81 31.36 -5.94
CA GLU A 60 13.49 32.36 -5.10
C GLU A 60 12.96 32.45 -3.66
N ASN A 61 11.66 32.18 -3.46
CA ASN A 61 11.07 32.16 -2.11
C ASN A 61 10.99 30.77 -1.47
N GLN A 62 11.79 29.82 -1.98
CA GLN A 62 12.01 28.52 -1.35
C GLN A 62 10.78 27.60 -1.29
N TYR A 63 9.89 27.70 -2.29
CA TYR A 63 8.76 26.78 -2.42
C TYR A 63 9.15 25.57 -3.26
N TYR A 64 9.70 25.82 -4.44
CA TYR A 64 10.21 24.76 -5.33
C TYR A 64 11.74 24.67 -5.31
N GLU A 65 12.25 23.48 -5.64
CA GLU A 65 13.68 23.27 -5.87
C GLU A 65 14.07 23.84 -7.23
N GLU A 66 15.27 24.42 -7.30
CA GLU A 66 15.79 25.03 -8.53
C GLU A 66 16.31 24.02 -9.55
N GLU A 67 16.91 22.94 -9.06
CA GLU A 67 17.70 22.03 -9.91
C GLU A 67 16.89 21.27 -10.95
N PHE A 68 15.74 20.72 -10.55
CA PHE A 68 14.91 19.92 -11.49
C PHE A 68 14.32 20.78 -12.63
N LEU A 69 14.03 22.05 -12.33
CA LEU A 69 13.58 23.01 -13.37
C LEU A 69 14.71 23.46 -14.29
N SER A 70 15.92 23.60 -13.75
CA SER A 70 17.09 24.02 -14.54
C SER A 70 17.52 23.03 -15.65
N LEU A 71 17.05 21.79 -15.56
CA LEU A 71 17.29 20.79 -16.61
C LEU A 71 16.52 21.07 -17.91
N TYR A 72 15.46 21.88 -17.85
CA TYR A 72 14.68 22.28 -19.02
C TYR A 72 14.95 23.73 -19.41
N SER A 73 14.81 24.03 -20.70
CA SER A 73 14.70 25.41 -21.17
C SER A 73 13.30 25.91 -20.81
N PHE A 74 13.17 27.21 -20.57
CA PHE A 74 11.89 27.78 -20.18
C PHE A 74 10.79 27.58 -21.23
N GLU A 75 11.17 27.63 -22.50
CA GLU A 75 10.25 27.33 -23.61
C GLU A 75 9.66 25.91 -23.49
N ASP A 76 10.49 24.95 -23.11
CA ASP A 76 10.05 23.57 -22.87
C ASP A 76 9.14 23.45 -21.64
N ILE A 77 9.45 24.20 -20.58
CA ILE A 77 8.60 24.24 -19.37
C ILE A 77 7.22 24.79 -19.71
N LYS A 78 7.19 25.89 -20.46
CA LYS A 78 5.94 26.50 -20.93
C LYS A 78 5.04 25.51 -21.70
N GLU A 79 5.66 24.71 -22.58
CA GLU A 79 4.93 23.70 -23.35
C GLU A 79 4.36 22.56 -22.49
N VAL A 80 5.09 22.19 -21.43
CA VAL A 80 4.63 21.17 -20.48
C VAL A 80 3.41 21.67 -19.70
N PHE A 81 3.49 22.88 -19.17
CA PHE A 81 2.35 23.52 -18.49
C PHE A 81 1.15 23.69 -19.43
N LYS A 82 1.41 24.10 -20.67
CA LYS A 82 0.37 24.19 -21.70
C LYS A 82 -0.36 22.85 -21.88
N THR A 83 0.39 21.75 -21.90
CA THR A 83 -0.20 20.40 -22.01
C THR A 83 -1.15 20.07 -20.86
N ALA A 84 -0.83 20.53 -19.65
CA ALA A 84 -1.66 20.29 -18.46
C ALA A 84 -3.00 21.04 -18.50
N TYR A 85 -2.97 22.29 -18.98
CA TYR A 85 -4.17 23.12 -19.12
C TYR A 85 -4.97 22.87 -20.43
N ALA A 86 -4.48 22.00 -21.31
CA ALA A 86 -5.11 21.79 -22.63
C ALA A 86 -6.40 20.97 -22.64
N LYS A 87 -6.68 20.21 -21.57
CA LYS A 87 -7.78 19.24 -21.58
C LYS A 87 -9.00 19.59 -20.71
N LYS A 88 -9.07 20.81 -20.18
CA LYS A 88 -10.27 21.31 -19.51
C LYS A 88 -10.73 20.39 -18.37
N PHE A 89 -9.81 20.06 -17.47
CA PHE A 89 -10.13 19.15 -16.37
C PHE A 89 -11.11 19.79 -15.40
N ARG A 90 -12.21 19.08 -15.12
CA ARG A 90 -13.20 19.53 -14.16
C ARG A 90 -13.47 18.41 -13.15
N PHE A 91 -13.49 18.76 -11.87
CA PHE A 91 -13.84 17.83 -10.80
C PHE A 91 -15.35 17.57 -10.85
N PRO A 92 -15.77 16.29 -10.84
CA PRO A 92 -17.21 15.98 -10.87
C PRO A 92 -17.94 16.14 -9.53
N SER A 93 -17.20 16.26 -8.43
CA SER A 93 -17.78 16.34 -7.10
C SER A 93 -17.11 17.42 -6.26
N PHE A 94 -17.81 17.88 -5.23
CA PHE A 94 -17.24 18.81 -4.26
C PHE A 94 -16.06 18.20 -3.51
N MET A 95 -16.21 16.95 -3.07
CA MET A 95 -15.21 16.29 -2.23
C MET A 95 -13.89 16.03 -2.97
N SER A 96 -13.97 15.65 -4.24
CA SER A 96 -12.77 15.47 -5.06
C SER A 96 -11.93 16.75 -5.15
N ALA A 97 -12.61 17.86 -5.45
CA ALA A 97 -11.96 19.17 -5.51
C ALA A 97 -11.48 19.62 -4.12
N PHE A 98 -12.35 19.45 -3.12
CA PHE A 98 -12.01 19.80 -1.75
C PHE A 98 -10.77 19.08 -1.25
N LYS A 99 -10.70 17.77 -1.51
CA LYS A 99 -9.57 16.96 -1.07
C LYS A 99 -8.25 17.37 -1.72
N PHE A 100 -8.26 17.72 -3.01
CA PHE A 100 -7.04 18.23 -3.64
C PHE A 100 -6.58 19.55 -3.03
N TYR A 101 -7.47 20.54 -3.01
CA TYR A 101 -7.09 21.90 -2.61
C TYR A 101 -6.83 22.07 -1.11
N ASN A 102 -7.40 21.18 -0.30
CA ASN A 102 -7.13 21.17 1.14
C ASN A 102 -5.84 20.40 1.49
N ASP A 103 -5.62 19.24 0.86
CA ASP A 103 -4.54 18.33 1.26
C ASP A 103 -3.29 18.33 0.37
N TYR A 104 -3.41 18.76 -0.89
CA TYR A 104 -2.31 18.66 -1.87
C TYR A 104 -1.82 19.97 -2.49
N ALA A 105 -2.73 20.94 -2.70
CA ALA A 105 -2.37 22.18 -3.37
C ALA A 105 -1.40 23.01 -2.51
N LEU A 106 -0.32 23.46 -3.13
CA LEU A 106 0.66 24.31 -2.46
C LEU A 106 0.01 25.62 -2.01
N LYS A 107 0.21 25.94 -0.72
CA LYS A 107 -0.24 27.19 -0.13
C LYS A 107 0.96 28.10 0.08
N THR A 108 0.69 29.38 0.32
CA THR A 108 1.70 30.32 0.80
C THR A 108 2.14 29.92 2.21
N ASN A 109 3.28 30.43 2.67
CA ASN A 109 3.83 30.05 3.98
C ASN A 109 2.89 30.32 5.16
N ASP A 110 2.21 31.47 5.13
CA ASP A 110 1.15 31.77 6.11
C ASP A 110 -0.14 30.93 5.93
N LYS A 111 -0.28 30.28 4.76
CA LYS A 111 -1.36 29.35 4.42
C LYS A 111 -2.71 30.04 4.21
N LYS A 112 -2.66 31.27 3.69
CA LYS A 112 -3.85 32.09 3.46
C LYS A 112 -4.29 32.12 1.99
N LYS A 113 -3.34 31.97 1.06
CA LYS A 113 -3.62 31.92 -0.38
C LYS A 113 -3.15 30.59 -0.98
N ILE A 114 -3.64 30.28 -2.19
CA ILE A 114 -3.29 29.07 -2.92
C ILE A 114 -2.35 29.41 -4.08
N LEU A 115 -1.26 28.66 -4.21
CA LEU A 115 -0.25 28.90 -5.25
C LEU A 115 -0.31 27.95 -6.45
N GLU A 116 -1.02 26.82 -6.31
CA GLU A 116 -1.12 25.83 -7.38
C GLU A 116 -2.58 25.49 -7.70
N ARG A 117 -2.91 25.47 -8.99
CA ARG A 117 -4.09 24.77 -9.48
C ARG A 117 -3.72 23.28 -9.52
N TYR A 118 -4.72 22.44 -9.73
CA TYR A 118 -4.51 21.00 -9.99
C TYR A 118 -3.51 20.77 -11.13
N GLU A 119 -3.61 21.57 -12.18
CA GLU A 119 -2.77 21.44 -13.37
C GLU A 119 -1.31 21.83 -13.10
N ASP A 120 -1.09 22.73 -12.15
CA ASP A 120 0.27 23.16 -11.75
C ASP A 120 1.02 22.05 -11.01
N ARG A 121 0.34 21.41 -10.05
CA ARG A 121 0.92 20.27 -9.31
C ARG A 121 1.33 19.16 -10.27
N ILE A 122 0.43 18.80 -11.19
CA ILE A 122 0.71 17.79 -12.21
C ILE A 122 1.90 18.17 -13.10
N SER A 123 1.95 19.43 -13.52
CA SER A 123 3.06 19.93 -14.34
C SER A 123 4.41 19.80 -13.63
N ILE A 124 4.44 20.14 -12.36
CA ILE A 124 5.66 20.07 -11.54
C ILE A 124 6.06 18.62 -11.26
N VAL A 125 5.08 17.77 -10.95
CA VAL A 125 5.33 16.34 -10.72
C VAL A 125 5.88 15.68 -11.99
N ALA A 126 5.32 16.06 -13.15
CA ALA A 126 5.75 15.53 -14.43
C ALA A 126 7.15 15.99 -14.83
N LEU A 127 7.46 17.26 -14.56
CA LEU A 127 8.81 17.81 -14.80
C LEU A 127 9.86 17.20 -13.87
N PHE A 128 9.45 16.84 -12.64
CA PHE A 128 10.30 16.09 -11.71
C PHE A 128 10.58 14.67 -12.23
N PHE A 129 9.54 13.95 -12.63
CA PHE A 129 9.69 12.56 -13.11
C PHE A 129 10.60 12.44 -14.33
N ALA A 130 10.43 13.33 -15.30
CA ALA A 130 11.04 13.17 -16.62
C ALA A 130 12.54 13.51 -16.69
N ASN A 131 13.05 14.23 -15.70
CA ASN A 131 14.51 14.44 -15.54
C ASN A 131 15.19 15.12 -16.74
N GLY A 132 14.51 16.13 -17.30
CA GLY A 132 14.99 16.87 -18.47
C GLY A 132 14.35 16.49 -19.80
N ASP A 133 13.79 15.28 -19.89
CA ASP A 133 13.14 14.79 -21.12
C ASP A 133 11.77 15.46 -21.26
N THR A 134 11.72 16.51 -22.08
CA THR A 134 10.50 17.30 -22.27
C THR A 134 9.33 16.48 -22.81
N GLU A 135 9.59 15.66 -23.84
CA GLU A 135 8.54 14.84 -24.44
C GLU A 135 7.97 13.81 -23.46
N LYS A 136 8.83 13.23 -22.62
CA LYS A 136 8.37 12.31 -21.58
C LYS A 136 7.56 13.04 -20.50
N ALA A 137 7.99 14.26 -20.15
CA ALA A 137 7.23 15.09 -19.22
C ALA A 137 5.80 15.35 -19.70
N LYS A 138 5.65 15.59 -21.00
CA LYS A 138 4.32 15.76 -21.62
C LYS A 138 3.46 14.50 -21.52
N GLU A 139 4.07 13.33 -21.70
CA GLU A 139 3.38 12.06 -21.51
C GLU A 139 2.92 11.88 -20.05
N TYR A 140 3.79 12.22 -19.10
CA TYR A 140 3.43 12.20 -17.68
C TYR A 140 2.27 13.14 -17.35
N VAL A 141 2.26 14.34 -17.95
CA VAL A 141 1.16 15.29 -17.78
C VAL A 141 -0.15 14.69 -18.31
N ASN A 142 -0.10 14.16 -19.53
CA ASN A 142 -1.28 13.52 -20.12
C ASN A 142 -1.76 12.32 -19.33
N LEU A 143 -0.82 11.50 -18.87
CA LEU A 143 -1.13 10.34 -18.03
C LEU A 143 -1.84 10.73 -16.72
N MET A 144 -1.39 11.83 -16.11
CA MET A 144 -1.97 12.32 -14.85
C MET A 144 -3.23 13.17 -15.03
N ILE A 145 -3.28 14.00 -16.08
CA ILE A 145 -4.45 14.86 -16.33
C ILE A 145 -5.65 14.07 -16.88
N ASN A 146 -5.39 13.00 -17.63
CA ASN A 146 -6.42 12.02 -17.99
C ASN A 146 -6.82 11.12 -16.81
N GLN A 147 -6.09 11.23 -15.70
CA GLN A 147 -6.32 10.44 -14.49
C GLN A 147 -6.23 8.94 -14.76
N GLU A 148 -5.21 8.57 -15.55
CA GLU A 148 -4.87 7.17 -15.80
C GLU A 148 -3.93 6.63 -14.73
N TYR A 149 -3.08 7.51 -14.18
CA TYR A 149 -2.14 7.15 -13.11
C TYR A 149 -2.11 8.22 -12.01
N GLN A 150 -2.12 7.77 -10.76
CA GLN A 150 -2.08 8.63 -9.59
C GLN A 150 -0.89 8.22 -8.71
N PRO A 151 0.17 9.06 -8.67
CA PRO A 151 1.24 8.83 -7.69
C PRO A 151 0.71 8.87 -6.26
N SER A 152 1.37 8.13 -5.36
CA SER A 152 0.98 8.13 -3.94
C SER A 152 1.08 9.50 -3.31
N THR A 153 0.42 9.66 -2.16
CA THR A 153 0.36 10.93 -1.45
C THR A 153 1.74 11.62 -1.27
N PRO A 154 2.75 10.88 -0.75
CA PRO A 154 4.06 11.53 -0.51
C PRO A 154 4.73 12.05 -1.79
N THR A 155 4.67 11.25 -2.85
CA THR A 155 5.22 11.66 -4.15
C THR A 155 4.42 12.83 -4.75
N PHE A 156 3.10 12.68 -4.80
CA PHE A 156 2.22 13.69 -5.41
C PHE A 156 2.22 15.02 -4.63
N LEU A 157 2.28 14.94 -3.30
CA LEU A 157 2.34 16.14 -2.44
C LEU A 157 3.66 16.91 -2.58
N ASN A 158 4.77 16.18 -2.45
CA ASN A 158 6.09 16.80 -2.23
C ASN A 158 7.01 16.92 -3.46
N ALA A 159 6.74 16.20 -4.54
CA ALA A 159 7.61 16.22 -5.72
C ALA A 159 7.81 17.66 -6.23
N GLY A 160 9.07 18.06 -6.36
CA GLY A 160 9.42 19.41 -6.82
C GLY A 160 9.49 20.49 -5.75
N ARG A 161 9.10 20.18 -4.51
CA ARG A 161 9.11 21.16 -3.42
C ARG A 161 10.40 21.09 -2.61
N LYS A 162 10.80 22.23 -2.04
CA LYS A 162 12.05 22.32 -1.27
C LYS A 162 11.82 21.92 0.17
N ARG A 163 10.85 22.56 0.83
CA ARG A 163 10.47 22.22 2.20
C ARG A 163 9.57 20.98 2.15
N ARG A 164 10.18 19.81 2.36
CA ARG A 164 9.46 18.54 2.22
C ARG A 164 10.09 17.38 2.95
N GLY A 165 9.33 16.29 3.05
CA GLY A 165 9.86 14.99 3.42
C GLY A 165 10.31 14.25 2.15
N GLU A 166 10.61 12.96 2.32
CA GLU A 166 10.99 12.10 1.19
C GLU A 166 9.72 11.61 0.50
N LEU A 167 9.86 11.10 -0.72
CA LEU A 167 8.73 10.68 -1.55
C LEU A 167 8.32 9.21 -1.40
N VAL A 168 8.96 8.49 -0.47
CA VAL A 168 8.71 7.05 -0.26
C VAL A 168 7.62 6.84 0.80
N SER A 169 6.66 5.97 0.49
CA SER A 169 5.51 5.73 1.37
C SER A 169 5.79 4.72 2.49
N CYS A 170 6.41 3.60 2.13
CA CYS A 170 6.52 2.45 3.02
C CYS A 170 7.94 2.18 3.47
N PHE A 171 8.12 1.98 4.78
CA PHE A 171 9.38 1.54 5.36
C PHE A 171 9.08 0.39 6.32
N LEU A 172 9.86 -0.68 6.22
CA LEU A 172 9.73 -1.83 7.12
C LEU A 172 11.10 -2.10 7.75
N LEU A 173 11.13 -2.23 9.08
CA LEU A 173 12.39 -2.38 9.82
C LEU A 173 12.44 -3.67 10.62
N GLU A 174 13.52 -4.43 10.43
CA GLU A 174 13.86 -5.53 11.32
C GLU A 174 14.48 -4.93 12.58
N VAL A 175 14.31 -5.61 13.73
CA VAL A 175 14.88 -5.14 15.00
C VAL A 175 15.57 -6.31 15.71
N ASN A 176 16.88 -6.18 15.93
CA ASN A 176 17.65 -7.23 16.61
C ASN A 176 17.46 -7.13 18.12
N ASP A 177 17.87 -8.19 18.82
CA ASP A 177 17.59 -8.36 20.25
C ASP A 177 18.62 -7.67 21.14
N SER A 178 18.58 -6.34 21.18
CA SER A 178 19.44 -5.54 22.05
C SER A 178 18.89 -4.13 22.27
N LEU A 179 19.27 -3.52 23.40
CA LEU A 179 18.90 -2.15 23.71
C LEU A 179 19.44 -1.13 22.69
N ASN A 180 20.66 -1.34 22.21
CA ASN A 180 21.22 -0.52 21.13
C ASN A 180 20.40 -0.60 19.83
N ASP A 181 19.94 -1.82 19.51
CA ASP A 181 19.10 -2.03 18.32
C ASP A 181 17.72 -1.38 18.49
N ILE A 182 17.07 -1.64 19.62
CA ILE A 182 15.77 -1.03 19.94
C ILE A 182 15.86 0.50 19.90
N SER A 183 16.88 1.05 20.54
CA SER A 183 17.13 2.49 20.54
C SER A 183 17.31 3.06 19.14
N ARG A 184 18.07 2.34 18.30
CA ARG A 184 18.31 2.76 16.92
C ARG A 184 17.04 2.65 16.07
N ALA A 185 16.26 1.58 16.26
CA ALA A 185 14.98 1.39 15.58
C ALA A 185 13.97 2.50 15.87
N ILE A 186 13.93 2.96 17.13
CA ILE A 186 13.08 4.10 17.53
C ILE A 186 13.56 5.39 16.87
N ASP A 187 14.88 5.62 16.87
CA ASP A 187 15.46 6.79 16.21
C ASP A 187 15.18 6.81 14.71
N ILE A 188 15.39 5.67 14.06
CA ILE A 188 15.13 5.52 12.62
C ILE A 188 13.63 5.70 12.32
N SER A 189 12.78 5.13 13.16
CA SER A 189 11.33 5.26 13.00
C SER A 189 10.86 6.72 13.00
N MET A 190 11.37 7.52 13.93
CA MET A 190 11.02 8.95 13.99
C MET A 190 11.60 9.74 12.82
N GLN A 191 12.82 9.42 12.40
CA GLN A 191 13.43 10.01 11.21
C GLN A 191 12.57 9.74 9.97
N LEU A 192 12.27 8.46 9.73
CA LEU A 192 11.49 8.06 8.56
C LEU A 192 10.03 8.54 8.61
N SER A 193 9.45 8.58 9.80
CA SER A 193 8.11 9.13 10.00
C SER A 193 8.05 10.64 9.71
N LYS A 194 9.10 11.37 10.09
CA LYS A 194 9.26 12.79 9.72
C LYS A 194 9.36 13.00 8.21
N LEU A 195 10.06 12.09 7.53
CA LEU A 195 10.14 12.09 6.06
C LEU A 195 8.81 11.78 5.33
N GLY A 196 7.75 11.44 6.07
CA GLY A 196 6.41 11.29 5.52
C GLY A 196 5.96 9.85 5.30
N GLY A 197 6.85 8.89 5.55
CA GLY A 197 6.56 7.48 5.30
C GLY A 197 5.98 6.76 6.51
N GLY A 198 5.21 5.70 6.23
CA GLY A 198 4.75 4.78 7.26
C GLY A 198 5.88 3.83 7.62
N VAL A 199 5.96 3.47 8.91
CA VAL A 199 7.05 2.63 9.41
C VAL A 199 6.45 1.42 10.13
N SER A 200 6.88 0.23 9.72
CA SER A 200 6.47 -1.02 10.36
C SER A 200 7.68 -1.74 10.91
N LEU A 201 7.55 -2.30 12.11
CA LEU A 201 8.66 -2.96 12.79
C LEU A 201 8.36 -4.43 13.08
N ASN A 202 9.27 -5.31 12.67
CA ASN A 202 9.21 -6.71 13.07
C ASN A 202 9.77 -6.83 14.49
N LEU A 203 8.98 -7.40 15.40
CA LEU A 203 9.39 -7.61 16.79
C LEU A 203 9.61 -9.09 17.16
N SER A 204 9.58 -9.97 16.15
CA SER A 204 9.67 -11.42 16.37
C SER A 204 11.04 -11.93 16.85
N LYS A 205 12.10 -11.15 16.64
CA LYS A 205 13.44 -11.48 17.14
C LYS A 205 13.73 -10.95 18.55
N LEU A 206 12.86 -10.10 19.08
CA LEU A 206 13.04 -9.55 20.44
C LEU A 206 12.70 -10.61 21.48
N ARG A 207 13.48 -10.62 22.55
CA ARG A 207 13.32 -11.63 23.62
C ARG A 207 12.01 -11.45 24.39
N ALA A 208 11.45 -12.57 24.85
CA ALA A 208 10.13 -12.59 25.46
C ALA A 208 10.19 -12.13 26.92
N LYS A 209 9.03 -12.05 27.57
CA LYS A 209 8.93 -11.56 28.95
C LYS A 209 9.72 -12.45 29.90
N GLY A 210 10.53 -11.83 30.76
CA GLY A 210 11.39 -12.55 31.71
C GLY A 210 12.82 -12.80 31.24
N GLU A 211 13.05 -12.75 29.92
CA GLU A 211 14.39 -12.97 29.35
C GLU A 211 15.31 -11.74 29.48
N ALA A 212 14.73 -10.56 29.69
CA ALA A 212 15.50 -9.33 29.88
C ALA A 212 15.88 -9.17 31.35
N ILE A 213 17.16 -9.37 31.65
CA ILE A 213 17.68 -9.23 33.02
C ILE A 213 18.45 -7.89 33.11
N LYS A 214 17.69 -6.80 33.12
CA LYS A 214 18.23 -5.45 33.29
C LYS A 214 17.29 -4.59 34.11
N ASP A 215 17.85 -3.62 34.83
CA ASP A 215 17.06 -2.69 35.65
C ASP A 215 16.65 -1.49 34.80
N VAL A 216 15.69 -1.72 33.92
CA VAL A 216 15.09 -0.70 33.06
C VAL A 216 13.58 -0.91 32.99
N GLU A 217 12.85 0.17 32.74
CA GLU A 217 11.38 0.16 32.77
C GLU A 217 10.77 -0.84 31.77
N ASN A 218 11.44 -0.99 30.63
CA ASN A 218 11.04 -1.97 29.60
C ASN A 218 11.07 -3.42 30.10
N ALA A 219 12.22 -3.85 30.61
CA ALA A 219 12.55 -5.24 30.96
C ALA A 219 11.40 -6.22 31.22
N THR A 220 10.62 -5.95 32.26
CA THR A 220 9.67 -6.94 32.80
C THR A 220 8.37 -7.17 32.00
N LYS A 221 8.10 -6.34 30.99
CA LYS A 221 6.87 -6.46 30.18
C LYS A 221 7.04 -7.19 28.83
N GLY A 222 8.27 -7.57 28.47
CA GLY A 222 8.53 -8.20 27.18
C GLY A 222 8.44 -7.21 26.03
N VAL A 223 7.92 -7.66 24.89
CA VAL A 223 7.78 -6.78 23.70
C VAL A 223 6.78 -5.63 23.88
N VAL A 224 5.84 -5.78 24.82
CA VAL A 224 4.87 -4.71 25.15
C VAL A 224 5.59 -3.43 25.59
N GLY A 225 6.70 -3.58 26.32
CA GLY A 225 7.57 -2.45 26.67
C GLY A 225 8.08 -1.71 25.44
N VAL A 226 8.52 -2.46 24.43
CA VAL A 226 8.99 -1.88 23.17
C VAL A 226 7.84 -1.23 22.40
N MET A 227 6.69 -1.91 22.34
CA MET A 227 5.47 -1.35 21.74
C MET A 227 5.06 0.00 22.35
N LYS A 228 5.17 0.09 23.68
CA LYS A 228 4.88 1.35 24.39
C LYS A 228 5.81 2.48 23.97
N LEU A 229 7.11 2.21 23.91
CA LEU A 229 8.11 3.19 23.47
C LEU A 229 7.85 3.68 22.04
N LEU A 230 7.53 2.74 21.14
CA LEU A 230 7.16 3.08 19.77
C LEU A 230 5.88 3.90 19.72
N ASP A 231 4.83 3.41 20.38
CA ASP A 231 3.53 4.09 20.44
C ASP A 231 3.62 5.53 20.94
N ASN A 232 4.39 5.73 22.01
CA ASN A 232 4.61 7.08 22.57
C ASN A 232 5.39 7.98 21.62
N ALA A 233 6.38 7.42 20.94
CA ALA A 233 7.21 8.18 19.99
C ALA A 233 6.40 8.79 18.86
N PHE A 234 5.48 8.02 18.28
CA PHE A 234 4.61 8.51 17.20
C PHE A 234 3.65 9.65 17.61
N ARG A 235 3.39 9.79 18.92
CA ARG A 235 2.71 10.97 19.46
C ARG A 235 3.67 12.15 19.55
N GLY A 245 3.75 10.56 9.37
CA GLY A 245 3.76 9.11 9.24
C GLY A 245 3.28 8.37 10.48
N SER A 246 2.60 7.24 10.27
CA SER A 246 2.10 6.38 11.36
C SER A 246 2.96 5.11 11.49
N GLY A 247 2.72 4.37 12.58
CA GLY A 247 3.53 3.20 12.94
C GLY A 247 2.78 1.88 13.04
N ALA A 248 3.50 0.79 12.80
CA ALA A 248 2.97 -0.57 12.97
C ALA A 248 4.01 -1.49 13.58
N ALA A 249 3.55 -2.60 14.16
CA ALA A 249 4.42 -3.63 14.72
C ALA A 249 3.87 -5.01 14.40
N TYR A 250 4.75 -5.93 13.99
CA TYR A 250 4.36 -7.30 13.68
C TYR A 250 5.03 -8.30 14.63
N LEU A 251 4.34 -9.43 14.87
CA LEU A 251 4.87 -10.50 15.72
C LEU A 251 4.43 -11.86 15.20
N ASN A 252 5.38 -12.78 15.11
CA ASN A 252 5.08 -14.17 14.74
C ASN A 252 4.26 -14.82 15.84
N ILE A 253 3.29 -15.65 15.44
CA ILE A 253 2.32 -16.26 16.36
C ILE A 253 2.94 -17.26 17.34
N PHE A 254 4.08 -17.85 16.97
CA PHE A 254 4.84 -18.76 17.85
C PHE A 254 5.69 -18.06 18.93
N HIS A 255 5.74 -16.73 18.90
CA HIS A 255 6.45 -15.93 19.92
C HIS A 255 5.67 -15.94 21.24
N ARG A 256 6.37 -16.14 22.36
CA ARG A 256 5.77 -16.27 23.71
C ARG A 256 4.82 -15.12 24.08
N ASP A 257 5.28 -13.89 23.88
CA ASP A 257 4.48 -12.68 24.15
C ASP A 257 3.23 -12.45 23.28
N ILE A 258 2.87 -13.38 22.39
CA ILE A 258 1.70 -13.23 21.49
C ILE A 258 0.41 -12.80 22.20
N ASN A 259 0.10 -13.38 23.36
CA ASN A 259 -1.11 -12.97 24.11
C ASN A 259 -1.03 -11.55 24.65
N ASP A 260 0.14 -11.16 25.17
CA ASP A 260 0.38 -9.79 25.64
C ASP A 260 0.38 -8.78 24.48
N PHE A 261 0.95 -9.19 23.34
CA PHE A 261 0.94 -8.42 22.10
C PHE A 261 -0.49 -8.09 21.66
N LEU A 262 -1.35 -9.10 21.68
CA LEU A 262 -2.77 -8.93 21.35
C LEU A 262 -3.55 -8.08 22.35
N ASP A 263 -3.24 -8.24 23.64
CA ASP A 263 -3.94 -7.52 24.72
C ASP A 263 -3.69 -6.01 24.77
N THR A 264 -2.72 -5.51 24.00
CA THR A 264 -2.53 -4.06 23.85
C THR A 264 -3.70 -3.36 23.15
N LYS A 265 -4.45 -4.11 22.34
CA LYS A 265 -5.62 -3.58 21.61
C LYS A 265 -6.99 -3.94 22.21
N LYS A 266 -7.03 -4.49 23.42
CA LYS A 266 -8.31 -4.71 24.13
C LYS A 266 -8.91 -3.36 24.53
N ILE A 267 -10.24 -3.26 24.40
CA ILE A 267 -10.96 -2.05 24.84
C ILE A 267 -10.90 -1.86 26.36
N SER A 268 -10.86 -2.96 27.10
CA SER A 268 -10.83 -2.94 28.56
C SER A 268 -9.43 -2.84 29.19
N ALA A 269 -8.37 -2.89 28.37
CA ALA A 269 -7.00 -2.88 28.87
C ALA A 269 -6.62 -1.49 29.42
N ASP A 270 -5.97 -1.49 30.59
CA ASP A 270 -5.49 -0.24 31.22
C ASP A 270 -4.36 0.41 30.44
N GLU A 271 -4.17 1.72 30.65
CA GLU A 271 -3.34 2.55 29.77
C GLU A 271 -1.83 2.27 29.80
N ASP A 272 -1.32 1.71 30.90
CA ASP A 272 0.09 1.30 30.98
C ASP A 272 0.45 0.15 30.01
N VAL A 273 -0.54 -0.68 29.67
CA VAL A 273 -0.39 -1.76 28.68
C VAL A 273 -0.95 -1.37 27.29
N ARG A 274 -1.97 -0.50 27.25
CA ARG A 274 -2.69 -0.19 26.02
C ARG A 274 -1.85 0.56 24.98
N VAL A 275 -2.07 0.24 23.71
CA VAL A 275 -1.41 0.89 22.57
C VAL A 275 -2.49 1.45 21.64
N LYS A 276 -2.59 2.77 21.55
CA LYS A 276 -3.69 3.45 20.85
C LYS A 276 -3.34 3.80 19.40
N THR A 277 -2.19 4.43 19.19
CA THR A 277 -1.78 4.93 17.87
C THR A 277 -1.27 3.81 16.95
N LEU A 278 -0.47 2.90 17.49
CA LEU A 278 0.26 1.91 16.70
C LEU A 278 -0.67 0.81 16.19
N SER A 279 -0.57 0.48 14.90
CA SER A 279 -1.25 -0.69 14.34
C SER A 279 -0.49 -1.96 14.73
N ILE A 280 -1.18 -3.10 14.76
CA ILE A 280 -0.52 -4.38 15.03
C ILE A 280 -0.88 -5.45 14.01
N GLY A 281 0.08 -6.34 13.75
CA GLY A 281 -0.08 -7.46 12.82
C GLY A 281 0.48 -8.75 13.39
N VAL A 282 -0.10 -9.88 12.98
CA VAL A 282 0.33 -11.21 13.44
C VAL A 282 0.67 -12.08 12.22
N VAL A 283 1.86 -12.70 12.27
CA VAL A 283 2.36 -13.55 11.18
C VAL A 283 2.10 -15.01 11.55
N ILE A 284 1.36 -15.71 10.69
CA ILE A 284 0.90 -17.08 10.97
C ILE A 284 1.40 -18.05 9.91
N PRO A 285 2.35 -18.94 10.26
CA PRO A 285 2.72 -20.02 9.33
C PRO A 285 1.67 -21.14 9.29
N ASP A 286 1.80 -22.02 8.29
CA ASP A 286 0.91 -23.19 8.13
C ASP A 286 0.94 -24.11 9.35
N LYS A 287 2.13 -24.33 9.92
CA LYS A 287 2.29 -25.22 11.08
C LYS A 287 1.33 -24.89 12.23
N PHE A 288 1.07 -23.60 12.46
CA PHE A 288 0.07 -23.19 13.45
C PHE A 288 -1.36 -23.54 13.00
N VAL A 289 -1.63 -23.40 11.70
CA VAL A 289 -2.93 -23.79 11.13
C VAL A 289 -3.11 -25.32 11.17
N GLU A 290 -2.01 -26.08 10.97
CA GLU A 290 -2.02 -27.53 11.13
C GLU A 290 -2.36 -27.91 12.57
N LEU A 291 -1.67 -27.27 13.53
CA LEU A 291 -1.90 -27.50 14.96
C LEU A 291 -3.28 -27.04 15.44
N ALA A 292 -3.90 -26.09 14.74
CA ALA A 292 -5.29 -25.70 14.98
C ALA A 292 -6.28 -26.72 14.43
N ARG A 293 -5.96 -27.29 13.26
CA ARG A 293 -6.84 -28.27 12.59
C ARG A 293 -7.07 -29.51 13.45
N GLU A 294 -5.98 -30.18 13.82
CA GLU A 294 -6.04 -31.26 14.83
C GLU A 294 -6.12 -30.60 16.20
N ASP A 295 -7.17 -30.91 16.97
CA ASP A 295 -7.44 -30.19 18.22
C ASP A 295 -6.57 -30.71 19.37
N LYS A 296 -5.30 -30.31 19.35
CA LYS A 296 -4.33 -30.63 20.41
C LYS A 296 -3.63 -29.36 20.85
N ALA A 297 -3.08 -29.38 22.06
CA ALA A 297 -2.37 -28.23 22.62
C ALA A 297 -1.03 -28.01 21.91
N ALA A 298 -0.64 -26.75 21.75
CA ALA A 298 0.58 -26.35 21.07
C ALA A 298 1.39 -25.42 21.98
N TYR A 299 2.58 -25.05 21.53
CA TYR A 299 3.52 -24.28 22.35
C TYR A 299 3.99 -22.99 21.66
N VAL A 300 4.33 -22.01 22.49
CA VAL A 300 4.93 -20.74 22.06
C VAL A 300 6.28 -20.58 22.75
N PHE A 301 7.25 -20.02 22.03
CA PHE A 301 8.65 -20.12 22.44
C PHE A 301 9.25 -18.81 22.92
N TYR A 302 10.23 -18.94 23.82
CA TYR A 302 11.03 -17.82 24.29
C TYR A 302 12.23 -17.68 23.34
N PRO A 303 12.23 -16.63 22.49
CA PRO A 303 13.20 -16.61 21.38
C PRO A 303 14.69 -16.59 21.76
N HIS A 304 15.06 -15.89 22.84
CA HIS A 304 16.47 -15.85 23.23
C HIS A 304 17.04 -17.23 23.56
N THR A 305 16.23 -18.10 24.18
CA THR A 305 16.65 -19.49 24.42
C THR A 305 16.90 -20.25 23.11
N ILE A 306 16.10 -19.98 22.08
CA ILE A 306 16.34 -20.55 20.75
C ILE A 306 17.64 -20.00 20.12
N TYR A 307 17.90 -18.71 20.29
CA TYR A 307 19.16 -18.13 19.78
C TYR A 307 20.39 -18.67 20.52
N LYS A 308 20.28 -18.84 21.84
CA LYS A 308 21.34 -19.45 22.66
C LYS A 308 21.68 -20.86 22.18
N GLU A 309 20.63 -21.64 21.91
CA GLU A 309 20.77 -23.05 21.55
C GLU A 309 21.29 -23.24 20.12
N TYR A 310 20.62 -22.62 19.14
CA TYR A 310 20.87 -22.89 17.72
C TYR A 310 21.77 -21.88 17.01
N GLY A 311 21.99 -20.70 17.61
CA GLY A 311 22.74 -19.63 16.95
C GLY A 311 22.01 -18.97 15.79
N GLN A 312 20.69 -19.14 15.74
CA GLN A 312 19.83 -18.53 14.73
C GLN A 312 18.57 -18.04 15.42
N HIS A 313 17.97 -16.98 14.87
CA HIS A 313 16.73 -16.43 15.41
C HIS A 313 15.57 -17.37 15.09
N MET A 314 14.56 -17.38 15.96
CA MET A 314 13.37 -18.24 15.79
C MET A 314 12.71 -18.05 14.43
N ASP A 315 12.40 -16.79 14.09
CA ASP A 315 11.64 -16.48 12.87
C ASP A 315 12.46 -16.58 11.56
N GLU A 316 13.77 -16.80 11.66
CA GLU A 316 14.62 -17.16 10.51
C GLU A 316 14.61 -18.65 10.19
N MET A 317 14.34 -19.48 11.20
CA MET A 317 14.37 -20.94 11.05
C MET A 317 13.02 -21.46 10.52
N ASP A 318 13.07 -22.62 9.86
CA ASP A 318 11.88 -23.25 9.27
C ASP A 318 11.06 -23.92 10.37
N MET A 319 9.87 -23.38 10.64
CA MET A 319 9.03 -23.83 11.75
C MET A 319 8.36 -25.19 11.49
N ASN A 320 8.03 -25.49 10.24
CA ASN A 320 7.52 -26.82 9.86
C ASN A 320 8.44 -27.96 10.30
N GLU A 321 9.74 -27.77 10.11
CA GLU A 321 10.74 -28.75 10.48
C GLU A 321 11.13 -28.68 11.96
N MET A 322 11.40 -27.47 12.44
CA MET A 322 12.00 -27.28 13.77
C MET A 322 11.03 -27.24 14.96
N TYR A 323 9.71 -27.20 14.72
CA TYR A 323 8.73 -27.08 15.82
C TYR A 323 8.86 -28.19 16.86
N ASP A 324 8.81 -29.44 16.42
CA ASP A 324 8.96 -30.60 17.32
C ASP A 324 10.33 -30.64 17.99
N LYS A 325 11.36 -30.20 17.27
CA LYS A 325 12.72 -30.13 17.81
C LYS A 325 12.87 -29.06 18.90
N PHE A 326 12.15 -27.94 18.76
CA PHE A 326 12.09 -26.92 19.83
C PHE A 326 11.35 -27.44 21.06
N VAL A 327 10.29 -28.23 20.83
CA VAL A 327 9.48 -28.81 21.90
C VAL A 327 10.27 -29.85 22.71
N ASP A 328 11.01 -30.73 22.02
CA ASP A 328 11.79 -31.77 22.67
C ASP A 328 13.10 -31.29 23.30
N ASN A 329 13.61 -30.14 22.86
CA ASN A 329 14.85 -29.58 23.43
C ASN A 329 14.57 -28.94 24.80
N PRO A 330 15.20 -29.46 25.87
CA PRO A 330 14.97 -28.92 27.22
C PRO A 330 15.58 -27.53 27.46
N ARG A 331 16.65 -27.20 26.74
CA ARG A 331 17.27 -25.87 26.82
C ARG A 331 16.46 -24.76 26.11
N VAL A 332 15.44 -25.13 25.35
CA VAL A 332 14.46 -24.19 24.80
C VAL A 332 13.27 -24.09 25.74
N LYS A 333 12.94 -22.86 26.17
CA LYS A 333 11.85 -22.61 27.11
C LYS A 333 10.53 -22.37 26.37
N LYS A 334 9.43 -22.77 27.00
CA LYS A 334 8.09 -22.79 26.36
C LYS A 334 6.95 -22.51 27.33
N GLU A 335 5.80 -22.14 26.75
CA GLU A 335 4.50 -22.11 27.44
C GLU A 335 3.48 -22.81 26.57
N LYS A 336 2.65 -23.67 27.17
CA LYS A 336 1.60 -24.39 26.45
C LYS A 336 0.39 -23.47 26.22
N ILE A 337 -0.22 -23.60 25.06
CA ILE A 337 -1.45 -22.87 24.71
C ILE A 337 -2.44 -23.77 23.98
N ASN A 338 -3.69 -23.32 23.88
CA ASN A 338 -4.69 -23.94 23.01
C ASN A 338 -4.71 -23.17 21.69
N PRO A 339 -4.27 -23.81 20.57
CA PRO A 339 -4.15 -23.09 19.30
C PRO A 339 -5.49 -22.69 18.66
N ARG A 340 -6.53 -23.50 18.85
CA ARG A 340 -7.87 -23.14 18.35
C ARG A 340 -8.44 -21.91 19.07
N LYS A 341 -8.23 -21.84 20.38
CA LYS A 341 -8.73 -20.71 21.18
C LYS A 341 -7.97 -19.40 20.92
N LEU A 342 -6.73 -19.49 20.46
CA LEU A 342 -5.98 -18.31 20.02
C LEU A 342 -6.51 -17.79 18.69
N LEU A 343 -6.84 -18.70 17.76
CA LEU A 343 -7.52 -18.32 16.50
C LEU A 343 -8.87 -17.67 16.75
N GLU A 344 -9.61 -18.19 17.74
CA GLU A 344 -10.86 -17.57 18.19
C GLU A 344 -10.63 -16.17 18.76
N LYS A 345 -9.59 -16.02 19.58
CA LYS A 345 -9.23 -14.72 20.16
C LYS A 345 -8.89 -13.69 19.09
N LEU A 346 -8.13 -14.11 18.08
CA LEU A 346 -7.81 -13.27 16.90
C LEU A 346 -9.08 -12.75 16.21
N ALA A 347 -10.04 -13.64 15.98
CA ALA A 347 -11.32 -13.25 15.38
C ALA A 347 -12.08 -12.27 16.25
N MET A 348 -12.07 -12.50 17.57
CA MET A 348 -12.79 -11.64 18.53
C MET A 348 -12.21 -10.23 18.64
N LEU A 349 -10.89 -10.11 18.68
CA LEU A 349 -10.24 -8.79 18.73
C LEU A 349 -10.45 -8.00 17.45
N ARG A 350 -10.39 -8.69 16.31
CA ARG A 350 -10.69 -8.08 15.01
C ARG A 350 -12.13 -7.55 14.93
N SER A 351 -13.07 -8.26 15.55
CA SER A 351 -14.45 -7.79 15.66
C SER A 351 -14.57 -6.51 16.51
N GLU A 352 -13.91 -6.48 17.67
CA GLU A 352 -13.95 -5.33 18.58
C GLU A 352 -13.15 -4.12 18.08
N SER A 353 -11.88 -4.36 17.77
CA SER A 353 -10.90 -3.29 17.49
C SER A 353 -10.58 -3.05 16.02
N GLY A 354 -10.70 -4.09 15.20
CA GLY A 354 -10.20 -4.09 13.82
C GLY A 354 -8.82 -4.72 13.68
N TYR A 355 -8.17 -5.00 14.81
CA TYR A 355 -6.80 -5.50 14.88
C TYR A 355 -6.78 -6.93 15.43
N PRO A 356 -5.71 -7.70 15.19
CA PRO A 356 -4.56 -7.33 14.38
C PRO A 356 -4.76 -7.65 12.92
N TYR A 357 -3.84 -7.18 12.09
CA TYR A 357 -3.76 -7.64 10.70
C TYR A 357 -3.17 -9.05 10.74
N ILE A 358 -3.55 -9.89 9.79
CA ILE A 358 -3.03 -11.26 9.70
C ILE A 358 -2.22 -11.41 8.42
N MET A 359 -1.05 -12.03 8.54
CA MET A 359 -0.26 -12.46 7.40
C MET A 359 -0.17 -13.97 7.43
N PHE A 360 -0.71 -14.62 6.41
CA PHE A 360 -0.54 -16.06 6.21
C PHE A 360 0.81 -16.28 5.52
N GLN A 361 1.84 -16.55 6.32
CA GLN A 361 3.23 -16.52 5.87
C GLN A 361 3.55 -17.47 4.71
N ASP A 362 2.99 -18.68 4.73
CA ASP A 362 3.30 -19.67 3.68
C ASP A 362 2.62 -19.37 2.35
N ASN A 363 1.44 -18.75 2.39
CA ASN A 363 0.81 -18.20 1.17
C ASN A 363 1.66 -17.10 0.53
N VAL A 364 2.35 -16.31 1.34
CA VAL A 364 3.30 -15.31 0.83
C VAL A 364 4.50 -16.03 0.22
N ASN A 365 5.10 -16.93 0.98
CA ASN A 365 6.37 -17.54 0.59
C ASN A 365 6.31 -18.65 -0.47
N LYS A 366 5.17 -19.31 -0.63
CA LYS A 366 5.02 -20.33 -1.68
C LYS A 366 4.99 -19.76 -3.12
N VAL A 367 4.72 -18.46 -3.26
CA VAL A 367 4.79 -17.75 -4.57
C VAL A 367 5.80 -16.59 -4.56
N HIS A 368 6.66 -16.54 -3.54
CA HIS A 368 7.64 -15.47 -3.40
C HIS A 368 8.79 -15.73 -4.35
N ALA A 369 9.22 -14.71 -5.09
CA ALA A 369 10.25 -14.86 -6.10
C ALA A 369 11.68 -14.88 -5.56
N ASN A 370 11.89 -14.36 -4.35
CA ASN A 370 13.22 -14.14 -3.80
C ASN A 370 13.43 -14.78 -2.41
N ASN A 371 13.01 -16.03 -2.26
CA ASN A 371 13.27 -16.79 -1.02
C ASN A 371 14.76 -17.00 -0.76
N HIS A 372 15.54 -17.13 -1.83
CA HIS A 372 17.01 -17.19 -1.76
C HIS A 372 17.68 -16.02 -1.02
N ILE A 373 17.07 -14.83 -1.08
CA ILE A 373 17.54 -13.67 -0.32
C ILE A 373 17.07 -13.84 1.13
N SER A 374 15.76 -13.91 1.32
CA SER A 374 15.15 -14.40 2.56
C SER A 374 13.68 -14.67 2.31
N LYS A 375 13.08 -15.48 3.17
CA LYS A 375 11.61 -15.61 3.19
C LYS A 375 11.00 -14.33 3.78
N VAL A 376 9.75 -14.05 3.40
CA VAL A 376 9.04 -12.87 3.92
C VAL A 376 8.58 -13.16 5.34
N LYS A 377 8.97 -12.30 6.28
CA LYS A 377 8.69 -12.50 7.71
C LYS A 377 7.62 -11.58 8.31
N PHE A 378 7.35 -10.44 7.67
CA PHE A 378 6.34 -9.50 8.15
C PHE A 378 5.89 -8.57 7.03
N SER A 379 4.99 -7.63 7.33
CA SER A 379 4.49 -6.68 6.34
C SER A 379 4.51 -5.24 6.89
N ASN A 380 3.92 -4.32 6.14
CA ASN A 380 3.99 -2.88 6.41
C ASN A 380 2.75 -2.35 7.15
N LEU A 381 2.65 -1.03 7.27
CA LEU A 381 1.51 -0.35 7.91
C LEU A 381 0.13 -0.76 7.35
N CYS A 382 0.04 -0.93 6.04
CA CYS A 382 -1.22 -1.30 5.36
C CYS A 382 -1.27 -2.75 4.84
N SER A 383 -0.27 -3.55 5.20
CA SER A 383 -0.26 -5.01 4.98
C SER A 383 -0.14 -5.49 3.52
N GLU A 384 0.30 -4.62 2.60
CA GLU A 384 0.45 -4.97 1.18
C GLU A 384 1.90 -5.19 0.70
N VAL A 385 2.88 -4.62 1.41
CA VAL A 385 4.29 -4.79 1.09
C VAL A 385 4.80 -6.11 1.67
N LEU A 386 5.33 -6.96 0.81
CA LEU A 386 5.76 -8.31 1.17
C LEU A 386 7.06 -8.61 0.46
N GLN A 387 8.16 -8.52 1.20
CA GLN A 387 9.50 -8.65 0.63
C GLN A 387 10.43 -9.36 1.58
N ALA A 388 11.57 -9.78 1.05
CA ALA A 388 12.66 -10.32 1.85
C ALA A 388 13.28 -9.21 2.71
N SER A 389 13.82 -9.60 3.86
CA SER A 389 14.54 -8.69 4.74
C SER A 389 15.60 -9.47 5.54
N GLN A 390 16.56 -8.75 6.10
CA GLN A 390 17.57 -9.35 6.97
C GLN A 390 17.87 -8.38 8.11
N VAL A 391 18.00 -8.92 9.32
CA VAL A 391 18.24 -8.10 10.51
C VAL A 391 19.63 -7.47 10.47
N SER A 392 19.74 -6.25 10.99
CA SER A 392 21.02 -5.58 11.20
C SER A 392 21.46 -5.81 12.64
N SER A 393 22.70 -5.45 12.93
CA SER A 393 23.21 -5.44 14.30
C SER A 393 23.86 -4.08 14.55
N TYR A 394 23.16 -3.22 15.28
CA TYR A 394 23.65 -1.90 15.62
C TYR A 394 24.42 -1.92 16.95
N THR A 395 25.54 -1.23 16.98
CA THR A 395 26.51 -1.28 18.08
C THR A 395 26.88 0.14 18.52
N ASP A 396 27.70 0.23 19.57
CA ASP A 396 28.08 1.51 20.15
C ASP A 396 29.28 2.15 19.41
N TYR A 397 29.73 3.32 19.88
CA TYR A 397 30.70 4.17 19.17
C TYR A 397 31.94 3.47 18.62
N ASP A 398 32.65 2.74 19.47
CA ASP A 398 33.93 2.13 19.11
C ASP A 398 33.82 0.75 18.42
N GLU A 399 32.59 0.28 18.20
CA GLU A 399 32.33 -0.97 17.48
C GLU A 399 31.66 -0.68 16.13
N GLU A 400 31.61 -1.70 15.27
CA GLU A 400 31.10 -1.56 13.90
C GLU A 400 29.69 -2.12 13.76
N ASP A 401 28.82 -1.37 13.08
CA ASP A 401 27.47 -1.86 12.75
C ASP A 401 27.57 -2.91 11.64
N GLU A 402 26.81 -4.00 11.78
CA GLU A 402 26.66 -5.01 10.73
C GLU A 402 25.29 -4.85 10.10
N ILE A 403 25.26 -4.32 8.87
CA ILE A 403 24.02 -3.93 8.21
C ILE A 403 23.39 -5.09 7.42
N GLY A 404 22.09 -5.27 7.60
CA GLY A 404 21.32 -6.28 6.91
C GLY A 404 20.54 -5.65 5.76
N LEU A 405 19.22 -5.82 5.79
CA LEU A 405 18.35 -5.37 4.72
C LEU A 405 16.96 -5.07 5.27
N ASP A 406 16.61 -3.78 5.29
CA ASP A 406 15.25 -3.33 5.58
C ASP A 406 14.50 -3.25 4.24
N ILE A 407 13.27 -2.75 4.26
CA ILE A 407 12.46 -2.65 3.04
C ILE A 407 11.96 -1.22 2.89
N SER A 408 12.10 -0.68 1.68
CA SER A 408 11.46 0.58 1.29
C SER A 408 10.80 0.44 -0.09
N CYS A 409 9.62 1.03 -0.22
CA CYS A 409 8.82 0.90 -1.44
C CYS A 409 8.02 2.19 -1.66
N ASN A 410 8.26 2.84 -2.80
CA ASN A 410 7.46 4.00 -3.19
C ASN A 410 6.31 3.55 -4.10
N LEU A 411 5.13 4.12 -3.87
CA LEU A 411 3.88 3.60 -4.42
C LEU A 411 3.22 4.55 -5.42
N GLY A 412 2.36 3.96 -6.25
CA GLY A 412 1.49 4.70 -7.14
C GLY A 412 0.39 3.76 -7.65
N SER A 413 -0.73 4.33 -8.10
CA SER A 413 -1.90 3.53 -8.49
C SER A 413 -2.46 3.87 -9.87
N LEU A 414 -2.77 2.82 -10.63
CA LEU A 414 -3.52 2.94 -11.87
C LEU A 414 -4.96 3.27 -11.52
N ASN A 415 -5.62 4.07 -12.34
CA ASN A 415 -7.07 4.26 -12.25
C ASN A 415 -7.68 3.37 -13.33
N ILE A 416 -8.33 2.29 -12.89
CA ILE A 416 -8.83 1.24 -13.80
C ILE A 416 -9.82 1.81 -14.82
N LEU A 417 -10.74 2.66 -14.36
CA LEU A 417 -11.77 3.27 -15.23
C LEU A 417 -11.14 3.98 -16.43
N ASN A 418 -10.26 4.94 -16.16
CA ASN A 418 -9.64 5.74 -17.23
C ASN A 418 -8.64 4.97 -18.10
N VAL A 419 -7.91 4.03 -17.49
CA VAL A 419 -6.98 3.18 -18.25
C VAL A 419 -7.72 2.31 -19.29
N MET A 420 -8.86 1.76 -18.89
CA MET A 420 -9.68 0.95 -19.81
C MET A 420 -10.31 1.79 -20.92
N GLU A 421 -10.87 2.94 -20.56
CA GLU A 421 -11.49 3.85 -21.55
C GLU A 421 -10.50 4.46 -22.54
N HIS A 422 -9.29 4.78 -22.07
CA HIS A 422 -8.20 5.22 -22.95
C HIS A 422 -7.44 4.07 -23.65
N LYS A 423 -7.72 2.83 -23.26
CA LYS A 423 -7.10 1.62 -23.85
C LYS A 423 -5.58 1.66 -23.69
N SER A 424 -5.12 2.02 -22.50
CA SER A 424 -3.72 2.40 -22.27
C SER A 424 -3.02 1.57 -21.19
N ILE A 425 -3.40 0.31 -21.03
CA ILE A 425 -2.79 -0.56 -20.00
C ILE A 425 -1.27 -0.64 -20.15
N GLU A 426 -0.79 -0.94 -21.35
CA GLU A 426 0.66 -1.02 -21.61
C GLU A 426 1.35 0.30 -21.32
N LYS A 427 0.88 1.37 -21.96
CA LYS A 427 1.50 2.70 -21.84
C LYS A 427 1.53 3.19 -20.40
N THR A 428 0.43 3.04 -19.67
CA THR A 428 0.32 3.53 -18.30
C THR A 428 1.19 2.75 -17.32
N VAL A 429 1.17 1.43 -17.42
CA VAL A 429 1.99 0.56 -16.56
C VAL A 429 3.49 0.84 -16.76
N LYS A 430 3.90 1.03 -18.00
CA LYS A 430 5.32 1.25 -18.32
C LYS A 430 5.80 2.65 -17.95
N LEU A 431 4.97 3.67 -18.17
CA LEU A 431 5.27 5.04 -17.73
C LEU A 431 5.23 5.17 -16.21
N ALA A 432 4.22 4.59 -15.57
CA ALA A 432 4.13 4.57 -14.11
C ALA A 432 5.38 3.91 -13.50
N THR A 433 5.80 2.79 -14.08
CA THR A 433 7.01 2.10 -13.66
C THR A 433 8.25 3.00 -13.78
N ASP A 434 8.33 3.77 -14.87
CA ASP A 434 9.41 4.76 -15.05
C ASP A 434 9.39 5.87 -13.98
N SER A 435 8.18 6.35 -13.64
CA SER A 435 8.04 7.38 -12.59
C SER A 435 8.48 6.85 -11.23
N LEU A 436 8.04 5.63 -10.91
CA LEU A 436 8.40 4.96 -9.66
C LEU A 436 9.89 4.67 -9.58
N THR A 437 10.51 4.36 -10.72
CA THR A 437 11.94 4.12 -10.81
C THR A 437 12.76 5.41 -10.56
N HIS A 438 12.33 6.52 -11.14
CA HIS A 438 13.02 7.81 -10.94
C HIS A 438 12.95 8.30 -9.49
N VAL A 439 11.79 8.14 -8.86
CA VAL A 439 11.63 8.49 -7.43
C VAL A 439 12.55 7.63 -6.57
N SER A 440 12.64 6.34 -6.90
CA SER A 440 13.54 5.41 -6.22
C SER A 440 15.02 5.80 -6.39
N GLU A 441 15.40 6.19 -7.61
CA GLU A 441 16.77 6.63 -7.91
C GLU A 441 17.17 7.92 -7.18
N THR A 442 16.24 8.87 -7.07
CA THR A 442 16.50 10.16 -6.44
C THR A 442 16.32 10.19 -4.91
N THR A 443 15.93 9.07 -4.30
CA THR A 443 15.80 8.97 -2.85
C THR A 443 17.20 8.91 -2.19
N ASP A 444 17.34 9.60 -1.06
CA ASP A 444 18.62 9.73 -0.36
C ASP A 444 18.38 9.65 1.15
N ILE A 445 18.30 8.43 1.66
CA ILE A 445 18.04 8.18 3.08
C ILE A 445 19.36 8.20 3.85
N ARG A 446 19.46 9.10 4.83
CA ARG A 446 20.62 9.21 5.72
C ARG A 446 20.33 8.55 7.07
N ASN A 447 21.38 8.00 7.69
CA ASN A 447 21.33 7.46 9.05
C ASN A 447 20.35 6.29 9.24
N ALA A 448 20.20 5.49 8.18
CA ALA A 448 19.38 4.28 8.19
C ALA A 448 19.89 3.38 7.06
N PRO A 449 21.13 2.88 7.20
CA PRO A 449 21.84 2.21 6.08
C PRO A 449 21.21 0.90 5.60
N ALA A 450 20.44 0.23 6.47
CA ALA A 450 19.66 -0.93 6.05
C ALA A 450 18.54 -0.54 5.07
N VAL A 451 17.95 0.64 5.27
CA VAL A 451 16.95 1.20 4.34
C VAL A 451 17.62 1.70 3.08
N ARG A 452 18.77 2.38 3.23
CA ARG A 452 19.57 2.84 2.10
C ARG A 452 20.01 1.68 1.20
N ARG A 453 20.41 0.58 1.83
CA ARG A 453 20.72 -0.67 1.13
C ARG A 453 19.53 -1.19 0.33
N ALA A 454 18.34 -1.17 0.95
CA ALA A 454 17.10 -1.59 0.28
C ALA A 454 16.86 -0.78 -0.98
N ASN A 455 16.95 0.54 -0.86
CA ASN A 455 16.70 1.44 -1.97
C ASN A 455 17.68 1.26 -3.13
N LYS A 456 18.98 1.26 -2.81
CA LYS A 456 20.03 1.18 -3.83
C LYS A 456 20.16 -0.20 -4.46
N ALA A 457 20.12 -1.25 -3.63
CA ALA A 457 20.41 -2.62 -4.08
C ALA A 457 19.18 -3.39 -4.58
N MET A 458 18.04 -3.26 -3.87
CA MET A 458 16.83 -4.01 -4.20
C MET A 458 15.88 -3.29 -5.15
N LYS A 459 15.82 -1.95 -5.06
CA LYS A 459 15.13 -1.11 -6.03
C LYS A 459 13.65 -1.47 -6.22
N SER A 460 12.96 -1.78 -5.12
CA SER A 460 11.56 -2.23 -5.20
C SER A 460 10.61 -1.06 -5.44
N ILE A 461 9.54 -1.32 -6.18
CA ILE A 461 8.44 -0.37 -6.38
C ILE A 461 7.10 -1.07 -6.15
N GLY A 462 6.05 -0.26 -6.00
CA GLY A 462 4.72 -0.76 -5.66
C GLY A 462 3.62 -0.11 -6.49
N LEU A 463 3.47 -0.61 -7.72
CA LEU A 463 2.40 -0.15 -8.60
C LEU A 463 1.12 -0.88 -8.25
N GLY A 464 0.11 -0.13 -7.80
CA GLY A 464 -1.21 -0.68 -7.46
C GLY A 464 -2.28 -0.26 -8.44
N ALA A 465 -3.53 -0.34 -7.99
CA ALA A 465 -4.69 0.04 -8.80
C ALA A 465 -5.87 0.47 -7.93
N MET A 466 -6.66 1.41 -8.43
CA MET A 466 -7.91 1.83 -7.82
C MET A 466 -9.06 1.83 -8.82
N ASN A 467 -10.27 2.02 -8.30
CA ASN A 467 -11.49 2.18 -9.10
C ASN A 467 -12.03 0.89 -9.75
N LEU A 468 -11.76 -0.27 -9.14
CA LEU A 468 -12.24 -1.55 -9.66
C LEU A 468 -13.75 -1.64 -9.61
N HIS A 469 -14.32 -1.46 -8.41
CA HIS A 469 -15.76 -1.55 -8.24
C HIS A 469 -16.49 -0.47 -9.03
N GLY A 470 -15.94 0.75 -9.02
CA GLY A 470 -16.49 1.86 -9.79
C GLY A 470 -16.56 1.60 -11.28
N TYR A 471 -15.49 1.03 -11.83
CA TYR A 471 -15.46 0.63 -13.24
C TYR A 471 -16.47 -0.48 -13.57
N LEU A 472 -16.47 -1.54 -12.75
CA LEU A 472 -17.39 -2.67 -12.94
C LEU A 472 -18.85 -2.24 -12.82
N ALA A 473 -19.15 -1.42 -11.81
CA ALA A 473 -20.50 -0.93 -11.56
C ALA A 473 -21.06 -0.07 -12.71
N GLN A 474 -20.19 0.71 -13.36
CA GLN A 474 -20.61 1.57 -14.48
C GLN A 474 -20.68 0.85 -15.83
N ASN A 475 -20.23 -0.41 -15.88
CA ASN A 475 -20.40 -1.28 -17.06
C ASN A 475 -21.36 -2.46 -16.80
N GLY A 476 -22.21 -2.34 -15.79
CA GLY A 476 -23.21 -3.36 -15.48
C GLY A 476 -22.67 -4.71 -15.02
N ILE A 477 -21.55 -4.70 -14.31
CA ILE A 477 -20.92 -5.93 -13.82
C ILE A 477 -20.91 -5.87 -12.29
N ALA A 478 -21.54 -6.85 -11.64
CA ALA A 478 -21.60 -6.92 -10.19
C ALA A 478 -20.26 -7.40 -9.62
N TYR A 479 -19.86 -6.85 -8.47
CA TYR A 479 -18.56 -7.16 -7.85
C TYR A 479 -18.39 -8.65 -7.56
N GLU A 480 -19.45 -9.29 -7.08
CA GLU A 480 -19.42 -10.72 -6.70
C GLU A 480 -19.60 -11.70 -7.88
N SER A 481 -19.87 -11.20 -9.08
CA SER A 481 -20.16 -12.04 -10.24
C SER A 481 -18.88 -12.69 -10.79
N PRO A 482 -19.03 -13.83 -11.50
CA PRO A 482 -17.87 -14.42 -12.20
C PRO A 482 -17.35 -13.54 -13.34
N GLU A 483 -18.21 -12.68 -13.89
CA GLU A 483 -17.81 -11.67 -14.87
C GLU A 483 -16.75 -10.71 -14.31
N ALA A 484 -16.94 -10.24 -13.09
CA ALA A 484 -16.00 -9.32 -12.44
C ALA A 484 -14.64 -9.97 -12.22
N ARG A 485 -14.65 -11.19 -11.69
CA ARG A 485 -13.41 -11.96 -11.49
C ARG A 485 -12.69 -12.27 -12.81
N ASP A 486 -13.46 -12.46 -13.87
CA ASP A 486 -12.92 -12.65 -15.22
C ASP A 486 -12.18 -11.41 -15.73
N PHE A 487 -12.76 -10.23 -15.50
CA PHE A 487 -12.11 -8.96 -15.84
C PHE A 487 -10.81 -8.75 -15.05
N ALA A 488 -10.92 -8.90 -13.73
CA ALA A 488 -9.77 -8.75 -12.83
C ALA A 488 -8.62 -9.69 -13.20
N ASN A 489 -8.94 -10.94 -13.54
CA ASN A 489 -7.95 -11.94 -13.94
C ASN A 489 -7.11 -11.47 -15.13
N THR A 490 -7.79 -11.06 -16.19
CA THR A 490 -7.12 -10.56 -17.40
C THR A 490 -6.43 -9.21 -17.15
N PHE A 491 -7.10 -8.30 -16.46
CA PHE A 491 -6.56 -6.95 -16.25
C PHE A 491 -5.21 -6.97 -15.53
N PHE A 492 -5.15 -7.65 -14.39
CA PHE A 492 -3.93 -7.69 -13.58
C PHE A 492 -2.83 -8.58 -14.16
N MET A 493 -3.22 -9.61 -14.92
CA MET A 493 -2.26 -10.35 -15.74
C MET A 493 -1.51 -9.41 -16.68
N MET A 494 -2.26 -8.54 -17.37
CA MET A 494 -1.69 -7.56 -18.29
C MET A 494 -0.79 -6.58 -17.56
N VAL A 495 -1.21 -6.13 -16.38
CA VAL A 495 -0.40 -5.23 -15.56
C VAL A 495 0.93 -5.91 -15.24
N ASN A 496 0.87 -7.17 -14.83
CA ASN A 496 2.08 -7.91 -14.49
C ASN A 496 3.00 -8.14 -15.69
N PHE A 497 2.41 -8.45 -16.85
CA PHE A 497 3.17 -8.65 -18.09
C PHE A 497 4.01 -7.42 -18.43
N TYR A 498 3.34 -6.28 -18.58
CA TYR A 498 4.02 -5.05 -19.01
C TYR A 498 4.92 -4.44 -17.93
N SER A 499 4.60 -4.72 -16.67
CA SER A 499 5.48 -4.36 -15.55
C SER A 499 6.81 -5.09 -15.63
N ILE A 500 6.75 -6.42 -15.80
CA ILE A 500 7.96 -7.24 -15.93
C ILE A 500 8.75 -6.84 -17.17
N GLN A 501 8.03 -6.65 -18.29
CA GLN A 501 8.65 -6.25 -19.55
C GLN A 501 9.44 -4.95 -19.40
N ARG A 502 8.84 -3.96 -18.74
CA ARG A 502 9.51 -2.68 -18.53
C ARG A 502 10.68 -2.79 -17.54
N SER A 503 10.49 -3.58 -16.49
CA SER A 503 11.58 -3.88 -15.54
C SER A 503 12.78 -4.50 -16.25
N ALA A 504 12.52 -5.42 -17.17
CA ALA A 504 13.55 -6.05 -18.00
C ALA A 504 14.16 -5.10 -19.02
N GLU A 505 13.32 -4.28 -19.65
CA GLU A 505 13.80 -3.20 -20.54
C GLU A 505 14.73 -2.22 -19.85
N ILE A 506 14.35 -1.80 -18.63
CA ILE A 506 15.19 -0.89 -17.82
C ILE A 506 16.53 -1.56 -17.46
N ALA A 507 16.48 -2.85 -17.12
CA ALA A 507 17.69 -3.62 -16.85
C ALA A 507 18.64 -3.67 -18.06
N LYS A 508 18.08 -3.79 -19.27
CA LYS A 508 18.85 -3.73 -20.51
C LYS A 508 19.46 -2.35 -20.73
N GLU A 509 18.66 -1.29 -20.58
CA GLU A 509 19.12 0.09 -20.81
C GLU A 509 20.18 0.53 -19.80
N LYS A 510 19.91 0.29 -18.52
CA LYS A 510 20.83 0.66 -17.43
C LYS A 510 22.02 -0.32 -17.29
N GLY A 511 21.84 -1.56 -17.76
CA GLY A 511 22.86 -2.60 -17.58
C GLY A 511 23.00 -3.06 -16.13
N GLU A 512 21.90 -2.97 -15.37
CA GLU A 512 21.86 -3.35 -13.95
C GLU A 512 20.69 -4.28 -13.70
N THR A 513 20.82 -5.10 -12.67
CA THR A 513 19.71 -5.88 -12.14
C THR A 513 19.64 -5.67 -10.63
N PHE A 514 18.51 -6.05 -10.01
CA PHE A 514 18.42 -5.99 -8.55
C PHE A 514 19.37 -7.00 -7.91
N ASP A 515 19.80 -6.68 -6.69
CA ASP A 515 20.80 -7.49 -5.98
C ASP A 515 20.31 -8.93 -5.83
N GLN A 516 21.12 -9.86 -6.33
CA GLN A 516 20.80 -11.30 -6.33
C GLN A 516 19.58 -11.66 -7.20
N TYR A 517 19.41 -10.95 -8.31
CA TYR A 517 18.45 -11.37 -9.35
C TYR A 517 18.71 -12.81 -9.80
N GLU A 518 19.99 -13.16 -9.91
CA GLU A 518 20.43 -14.43 -10.52
C GLU A 518 19.83 -15.67 -9.85
N GLY A 519 19.59 -15.61 -8.55
CA GLY A 519 18.97 -16.70 -7.79
C GLY A 519 17.45 -16.61 -7.65
N SER A 520 16.80 -15.65 -8.32
CA SER A 520 15.34 -15.48 -8.21
C SER A 520 14.60 -16.46 -9.11
N THR A 521 13.31 -16.62 -8.86
CA THR A 521 12.45 -17.44 -9.71
C THR A 521 12.25 -16.83 -11.11
N TYR A 522 12.45 -15.52 -11.23
CA TYR A 522 12.49 -14.86 -12.53
C TYR A 522 13.65 -15.38 -13.38
N ALA A 523 14.82 -15.53 -12.76
CA ALA A 523 16.04 -15.99 -13.44
C ALA A 523 16.02 -17.47 -13.81
N THR A 524 15.50 -18.32 -12.93
CA THR A 524 15.39 -19.76 -13.21
C THR A 524 14.28 -20.08 -14.22
N GLY A 525 13.30 -19.19 -14.36
CA GLY A 525 12.15 -19.38 -15.25
C GLY A 525 10.90 -19.85 -14.53
N GLU A 526 11.06 -20.34 -13.30
CA GLU A 526 9.95 -20.93 -12.52
C GLU A 526 8.78 -19.97 -12.30
N TYR A 527 9.07 -18.68 -12.18
CA TYR A 527 8.03 -17.65 -12.05
C TYR A 527 6.99 -17.70 -13.17
N PHE A 528 7.45 -18.01 -14.40
CA PHE A 528 6.61 -17.93 -15.59
C PHE A 528 5.83 -19.22 -15.93
N ASP A 529 5.98 -20.27 -15.12
CA ASP A 529 5.43 -21.62 -15.43
C ASP A 529 3.94 -21.62 -15.80
N LYS A 530 3.12 -20.99 -14.96
CA LYS A 530 1.68 -20.92 -15.20
C LYS A 530 1.34 -20.01 -16.39
N TYR A 531 2.15 -18.96 -16.59
CA TYR A 531 1.95 -18.01 -17.68
C TYR A 531 2.28 -18.58 -19.07
N VAL A 532 3.30 -19.44 -19.14
CA VAL A 532 3.64 -20.10 -20.41
C VAL A 532 2.70 -21.27 -20.75
N SER A 533 2.04 -21.83 -19.74
CA SER A 533 1.19 -23.02 -19.91
C SER A 533 -0.32 -22.74 -19.91
N THR A 534 -0.77 -21.61 -19.35
CA THR A 534 -2.20 -21.31 -19.25
C THR A 534 -2.52 -19.91 -19.81
N ASP A 535 -3.72 -19.77 -20.38
CA ASP A 535 -4.17 -18.52 -21.00
C ASP A 535 -5.04 -17.74 -20.00
N PHE A 536 -4.83 -16.43 -19.95
CA PHE A 536 -5.55 -15.55 -19.02
C PHE A 536 -6.42 -14.49 -19.72
N SER A 537 -6.75 -14.70 -20.99
CA SER A 537 -7.68 -13.84 -21.72
C SER A 537 -9.12 -14.08 -21.20
N PRO A 538 -10.03 -13.12 -21.41
CA PRO A 538 -11.36 -13.25 -20.82
C PRO A 538 -12.19 -14.39 -21.41
N LYS A 539 -12.82 -15.17 -20.53
CA LYS A 539 -13.68 -16.29 -20.94
C LYS A 539 -15.10 -15.84 -21.31
N TYR A 540 -15.60 -14.80 -20.65
CA TYR A 540 -16.90 -14.21 -21.00
C TYR A 540 -16.75 -13.20 -22.13
N GLU A 541 -17.73 -13.18 -23.04
CA GLU A 541 -17.71 -12.29 -24.22
C GLU A 541 -17.84 -10.82 -23.84
N LYS A 542 -18.72 -10.53 -22.88
CA LYS A 542 -18.94 -9.18 -22.35
C LYS A 542 -17.64 -8.51 -21.86
N ILE A 543 -16.78 -9.30 -21.21
CA ILE A 543 -15.52 -8.78 -20.68
C ILE A 543 -14.49 -8.66 -21.79
N ALA A 544 -14.45 -9.62 -22.71
CA ALA A 544 -13.58 -9.56 -23.90
C ALA A 544 -13.81 -8.30 -24.76
N ASN A 545 -15.05 -7.84 -24.84
CA ASN A 545 -15.38 -6.61 -25.59
C ASN A 545 -14.82 -5.33 -24.94
N LEU A 546 -14.67 -5.34 -23.61
CA LEU A 546 -14.05 -4.22 -22.89
C LEU A 546 -12.55 -4.08 -23.19
N PHE A 547 -11.87 -5.19 -23.47
CA PHE A 547 -10.45 -5.19 -23.87
C PHE A 547 -10.23 -5.06 -25.39
N GLU A 548 -11.28 -4.72 -26.14
CA GLU A 548 -11.19 -4.55 -27.59
C GLU A 548 -10.36 -3.32 -27.91
N GLY A 549 -9.34 -3.49 -28.74
CA GLY A 549 -8.39 -2.41 -29.06
C GLY A 549 -7.05 -2.55 -28.36
N MET A 550 -7.01 -3.27 -27.25
CA MET A 550 -5.77 -3.58 -26.54
C MET A 550 -5.36 -5.01 -26.82
N HIS A 551 -4.07 -5.20 -27.12
CA HIS A 551 -3.50 -6.52 -27.31
C HIS A 551 -3.39 -7.24 -25.96
N ILE A 552 -4.10 -8.35 -25.83
CA ILE A 552 -4.05 -9.17 -24.62
C ILE A 552 -2.88 -10.16 -24.77
N PRO A 553 -1.88 -10.10 -23.87
CA PRO A 553 -0.74 -11.04 -23.96
C PRO A 553 -1.15 -12.51 -23.86
N THR A 554 -0.54 -13.32 -24.71
CA THR A 554 -0.81 -14.75 -24.82
C THR A 554 0.30 -15.55 -24.16
N THR A 555 0.12 -16.87 -24.11
CA THR A 555 1.17 -17.78 -23.63
C THR A 555 2.47 -17.65 -24.42
N GLU A 556 2.35 -17.34 -25.70
CA GLU A 556 3.51 -17.16 -26.58
C GLU A 556 4.28 -15.87 -26.27
N ASP A 557 3.55 -14.79 -25.93
CA ASP A 557 4.17 -13.53 -25.51
C ASP A 557 4.91 -13.71 -24.19
N TRP A 558 4.29 -14.44 -23.27
CA TRP A 558 4.91 -14.78 -21.98
C TRP A 558 6.20 -15.61 -22.14
N LYS A 559 6.19 -16.57 -23.06
CA LYS A 559 7.42 -17.34 -23.41
C LYS A 559 8.54 -16.43 -23.92
N LYS A 560 8.17 -15.49 -24.79
CA LYS A 560 9.12 -14.50 -25.31
C LYS A 560 9.64 -13.56 -24.22
N LEU A 561 8.77 -13.19 -23.28
CA LEU A 561 9.15 -12.37 -22.12
C LEU A 561 10.08 -13.13 -21.18
N LYS A 562 9.77 -14.40 -20.92
CA LYS A 562 10.62 -15.30 -20.14
C LYS A 562 12.06 -15.34 -20.67
N ALA A 563 12.20 -15.48 -21.99
CA ALA A 563 13.51 -15.49 -22.64
C ALA A 563 14.20 -14.13 -22.56
N PHE A 564 13.42 -13.06 -22.74
CA PHE A 564 13.92 -11.68 -22.62
C PHE A 564 14.48 -11.40 -21.23
N VAL A 565 13.75 -11.85 -20.21
CA VAL A 565 14.18 -11.72 -18.80
C VAL A 565 15.40 -12.59 -18.51
N ALA A 566 15.43 -13.81 -19.03
CA ALA A 566 16.60 -14.71 -18.88
C ALA A 566 17.88 -14.08 -19.44
N GLU A 567 17.75 -13.35 -20.55
CA GLU A 567 18.88 -12.67 -21.18
C GLU A 567 19.31 -11.42 -20.42
N HIS A 568 18.37 -10.50 -20.18
CA HIS A 568 18.67 -9.15 -19.66
C HIS A 568 18.45 -8.96 -18.15
N GLY A 569 17.74 -9.87 -17.51
CA GLY A 569 17.40 -9.76 -16.10
C GLY A 569 16.28 -8.78 -15.84
N MET A 570 16.18 -8.34 -14.60
CA MET A 570 15.16 -7.38 -14.16
C MET A 570 15.75 -6.38 -13.17
N TYR A 571 15.37 -5.11 -13.33
CA TYR A 571 15.89 -4.01 -12.52
C TYR A 571 15.29 -3.98 -11.10
N HIS A 572 14.03 -4.38 -10.99
CA HIS A 572 13.26 -4.28 -9.76
C HIS A 572 13.11 -5.63 -9.08
N SER A 573 13.38 -5.69 -7.77
CA SER A 573 13.18 -6.90 -6.97
C SER A 573 11.70 -7.20 -6.77
N TYR A 574 10.90 -6.15 -6.57
CA TYR A 574 9.44 -6.23 -6.50
C TYR A 574 8.84 -5.05 -7.26
N ARG A 575 7.63 -5.25 -7.80
CA ARG A 575 7.02 -4.30 -8.73
C ARG A 575 5.59 -3.85 -8.40
N LEU A 576 4.75 -4.76 -7.88
CA LEU A 576 3.33 -4.50 -7.71
C LEU A 576 2.86 -4.73 -6.29
N CYS A 577 2.02 -3.83 -5.79
CA CYS A 577 1.25 -4.05 -4.56
C CYS A 577 0.05 -3.09 -4.56
N ILE A 578 -1.07 -3.53 -4.00
CA ILE A 578 -2.31 -2.75 -4.02
C ILE A 578 -2.57 -2.15 -2.63
N ALA A 579 -2.31 -0.84 -2.51
CA ALA A 579 -2.50 -0.10 -1.27
C ALA A 579 -3.97 0.32 -1.12
N PRO A 580 -4.38 0.78 0.10
CA PRO A 580 -5.78 1.19 0.30
C PRO A 580 -6.24 2.45 -0.47
N THR A 581 -5.34 3.40 -0.70
CA THR A 581 -5.65 4.66 -1.41
C THR A 581 -6.78 5.47 -0.73
N GLY A 582 -6.55 5.84 0.52
CA GLY A 582 -7.57 6.52 1.33
C GLY A 582 -7.88 7.95 0.92
N SER A 583 -6.84 8.74 0.67
CA SER A 583 -6.98 10.16 0.36
C SER A 583 -7.04 10.44 -1.14
N ILE A 584 -6.10 9.85 -1.87
CA ILE A 584 -5.97 10.06 -3.33
C ILE A 584 -7.17 9.59 -4.17
N SER A 585 -7.94 8.62 -3.67
CA SER A 585 -9.10 8.10 -4.40
C SER A 585 -10.18 9.16 -4.61
N TYR A 586 -10.33 10.06 -3.64
CA TYR A 586 -11.23 11.21 -3.78
C TYR A 586 -10.81 12.13 -4.93
N VAL A 587 -9.52 12.49 -4.96
CA VAL A 587 -8.96 13.34 -6.03
C VAL A 587 -9.18 12.71 -7.41
N GLN A 588 -9.06 11.39 -7.48
CA GLN A 588 -9.29 10.62 -8.70
C GLN A 588 -10.77 10.33 -9.04
N SER A 589 -11.69 10.72 -8.16
CA SER A 589 -13.10 10.30 -8.28
C SER A 589 -13.18 8.80 -8.54
N SER A 590 -12.62 8.05 -7.59
CA SER A 590 -12.43 6.61 -7.72
C SER A 590 -12.87 5.89 -6.45
N THR A 591 -13.36 4.66 -6.61
CA THR A 591 -13.64 3.79 -5.47
C THR A 591 -12.30 3.30 -4.91
N ALA A 592 -12.25 3.11 -3.59
CA ALA A 592 -11.00 2.83 -2.89
C ALA A 592 -10.40 1.50 -3.31
N SER A 593 -9.20 1.55 -3.91
CA SER A 593 -8.39 0.36 -4.15
C SER A 593 -9.12 -0.64 -5.08
N VAL A 594 -8.94 -1.94 -4.84
CA VAL A 594 -9.77 -2.98 -5.46
C VAL A 594 -10.91 -3.46 -4.55
N MET A 595 -11.16 -2.72 -3.46
CA MET A 595 -12.19 -3.08 -2.49
C MET A 595 -13.60 -2.74 -2.99
N PRO A 596 -14.62 -3.43 -2.46
CA PRO A 596 -15.98 -2.98 -2.67
C PRO A 596 -16.29 -1.80 -1.76
N ILE A 597 -17.12 -0.89 -2.24
CA ILE A 597 -17.49 0.33 -1.51
C ILE A 597 -18.24 0.01 -0.21
N MET A 598 -17.99 0.82 0.82
CA MET A 598 -18.66 0.68 2.12
C MET A 598 -20.06 1.26 2.08
N GLU A 599 -20.16 2.50 1.61
CA GLU A 599 -21.40 3.27 1.59
C GLU A 599 -21.63 3.83 0.20
N ARG A 600 -22.85 3.75 -0.29
CA ARG A 600 -23.23 4.43 -1.54
C ARG A 600 -23.08 5.95 -1.42
N ILE A 601 -23.50 6.50 -0.27
CA ILE A 601 -23.35 7.94 0.02
C ILE A 601 -22.69 8.13 1.39
N GLU A 602 -21.51 8.73 1.40
CA GLU A 602 -20.77 9.01 2.64
C GLU A 602 -21.22 10.32 3.27
N GLU A 603 -21.65 10.27 4.53
CA GLU A 603 -21.90 11.48 5.33
C GLU A 603 -20.66 11.76 6.19
N ARG A 604 -20.13 12.98 6.09
CA ARG A 604 -18.97 13.42 6.88
C ARG A 604 -19.19 14.84 7.40
N THR A 605 -18.52 15.18 8.50
CA THR A 605 -18.67 16.49 9.14
C THR A 605 -17.73 17.54 8.54
N TYR A 606 -18.23 18.78 8.46
CA TYR A 606 -17.50 19.91 7.86
C TYR A 606 -17.77 21.15 8.72
N GLY A 607 -16.89 21.37 9.70
CA GLY A 607 -17.09 22.40 10.72
C GLY A 607 -18.36 22.11 11.50
N ASN A 608 -19.36 22.97 11.32
CA ASN A 608 -20.71 22.74 11.87
C ASN A 608 -21.58 21.89 10.94
N SER A 609 -21.44 22.13 9.63
CA SER A 609 -22.28 21.48 8.62
C SER A 609 -21.86 20.03 8.32
N LYS A 610 -22.68 19.36 7.51
CA LYS A 610 -22.39 18.03 6.98
C LYS A 610 -22.03 18.13 5.50
N THR A 611 -21.25 17.16 5.02
CA THR A 611 -20.99 16.98 3.59
C THR A 611 -21.46 15.60 3.16
N TYR A 612 -21.82 15.48 1.89
CA TYR A 612 -22.28 14.23 1.31
C TYR A 612 -21.48 13.91 0.06
N TYR A 613 -21.02 12.65 -0.03
CA TYR A 613 -20.25 12.18 -1.17
C TYR A 613 -20.86 10.87 -1.69
N PRO A 614 -21.66 10.96 -2.77
CA PRO A 614 -22.05 9.76 -3.50
C PRO A 614 -20.83 9.11 -4.14
N MET A 615 -20.82 7.79 -4.26
CA MET A 615 -19.72 7.10 -4.92
C MET A 615 -19.59 7.56 -6.37
N PRO A 616 -18.34 7.68 -6.88
CA PRO A 616 -18.13 8.24 -8.22
C PRO A 616 -18.80 7.41 -9.30
N GLY A 617 -19.70 8.05 -10.05
CA GLY A 617 -20.50 7.39 -11.07
C GLY A 617 -21.83 6.82 -10.59
N LEU A 618 -22.18 7.06 -9.32
CA LEU A 618 -23.44 6.55 -8.76
C LEU A 618 -24.63 7.33 -9.34
N ALA A 619 -25.67 6.60 -9.73
CA ALA A 619 -26.93 7.16 -10.19
C ALA A 619 -28.06 6.19 -9.86
N SER A 620 -29.29 6.60 -10.12
CA SER A 620 -30.46 5.76 -9.90
C SER A 620 -30.48 4.49 -10.77
N ASN A 621 -30.03 4.64 -12.02
CA ASN A 621 -30.02 3.51 -12.98
C ASN A 621 -28.91 2.47 -12.79
N ASN A 622 -27.85 2.81 -12.04
CA ASN A 622 -26.80 1.84 -11.67
C ASN A 622 -26.70 1.56 -10.16
N TRP A 623 -27.69 2.02 -9.39
CA TRP A 623 -27.75 1.87 -7.93
C TRP A 623 -27.48 0.43 -7.46
N PHE A 624 -28.12 -0.53 -8.13
CA PHE A 624 -27.91 -1.96 -7.88
C PHE A 624 -26.44 -2.35 -7.88
N PHE A 625 -25.72 -1.91 -8.91
CA PHE A 625 -24.32 -2.31 -9.10
C PHE A 625 -23.33 -1.71 -8.09
N TYR A 626 -23.71 -0.60 -7.43
CA TYR A 626 -22.92 -0.04 -6.31
C TYR A 626 -23.37 -0.67 -4.99
N LYS A 627 -23.30 -2.00 -4.93
CA LYS A 627 -23.74 -2.76 -3.76
C LYS A 627 -22.74 -2.55 -2.62
N GLU A 628 -23.27 -2.34 -1.42
CA GLU A 628 -22.43 -2.06 -0.25
C GLU A 628 -21.74 -3.32 0.24
N ALA A 629 -20.48 -3.18 0.63
CA ALA A 629 -19.60 -4.31 0.96
C ALA A 629 -20.13 -5.21 2.07
N TYR A 630 -20.83 -4.62 3.04
CA TYR A 630 -21.37 -5.36 4.18
C TYR A 630 -22.45 -6.38 3.79
N ASP A 631 -23.17 -6.10 2.70
CA ASP A 631 -24.22 -7.01 2.20
C ASP A 631 -23.69 -8.09 1.26
N MET A 632 -22.42 -8.00 0.86
CA MET A 632 -21.80 -9.02 0.02
C MET A 632 -21.39 -10.25 0.83
N ASP A 633 -21.21 -11.36 0.13
CA ASP A 633 -20.64 -12.58 0.69
C ASP A 633 -19.12 -12.43 0.71
N MET A 634 -18.53 -12.41 1.90
CA MET A 634 -17.07 -12.27 2.05
C MET A 634 -16.27 -13.41 1.44
N PHE A 635 -16.90 -14.59 1.28
CA PHE A 635 -16.31 -15.70 0.52
C PHE A 635 -16.08 -15.31 -0.93
N LYS A 636 -17.05 -14.64 -1.55
CA LYS A 636 -16.93 -14.19 -2.94
C LYS A 636 -16.01 -12.97 -3.10
N VAL A 637 -15.88 -12.16 -2.05
CA VAL A 637 -14.90 -11.07 -2.02
C VAL A 637 -13.47 -11.65 -1.93
N VAL A 638 -13.31 -12.69 -1.11
CA VAL A 638 -12.06 -13.47 -1.05
C VAL A 638 -11.68 -14.01 -2.43
N ASP A 639 -12.65 -14.57 -3.15
CA ASP A 639 -12.42 -15.10 -4.50
C ASP A 639 -11.92 -14.03 -5.48
N MET A 640 -12.43 -12.80 -5.34
CA MET A 640 -11.99 -11.67 -6.17
C MET A 640 -10.53 -11.33 -5.93
N ILE A 641 -10.16 -11.18 -4.67
CA ILE A 641 -8.81 -10.75 -4.30
C ILE A 641 -7.78 -11.86 -4.56
N ALA A 642 -8.17 -13.11 -4.34
CA ALA A 642 -7.34 -14.26 -4.72
C ALA A 642 -7.04 -14.28 -6.22
N THR A 643 -8.04 -13.95 -7.05
CA THR A 643 -7.87 -13.84 -8.50
C THR A 643 -6.90 -12.72 -8.88
N ILE A 644 -6.97 -11.59 -8.18
CA ILE A 644 -6.03 -10.49 -8.39
C ILE A 644 -4.63 -10.87 -7.88
N GLN A 645 -4.58 -11.52 -6.72
CA GLN A 645 -3.31 -11.90 -6.06
C GLN A 645 -2.41 -12.80 -6.91
N GLN A 646 -3.02 -13.62 -7.78
CA GLN A 646 -2.29 -14.39 -8.80
C GLN A 646 -1.24 -13.57 -9.53
N HIS A 647 -1.61 -12.34 -9.88
CA HIS A 647 -0.82 -11.47 -10.75
C HIS A 647 -0.15 -10.30 -10.03
N ILE A 648 -0.10 -10.36 -8.70
CA ILE A 648 0.58 -9.35 -7.89
C ILE A 648 1.68 -10.05 -7.09
N ASP A 649 2.93 -9.66 -7.34
CA ASP A 649 4.08 -10.30 -6.70
C ASP A 649 4.17 -10.05 -5.19
N GLN A 650 3.80 -8.83 -4.75
CA GLN A 650 3.66 -8.55 -3.31
C GLN A 650 2.22 -8.81 -2.86
N GLY A 651 1.59 -7.87 -2.13
CA GLY A 651 0.29 -8.10 -1.49
C GLY A 651 -0.78 -7.09 -1.83
N ILE A 652 -1.94 -7.26 -1.19
CA ILE A 652 -3.14 -6.47 -1.44
C ILE A 652 -3.77 -6.13 -0.09
N SER A 653 -3.99 -4.85 0.19
CA SER A 653 -4.65 -4.42 1.43
C SER A 653 -6.12 -4.86 1.40
N PHE A 654 -6.44 -5.89 2.17
CA PHE A 654 -7.74 -6.55 2.14
C PHE A 654 -8.53 -6.21 3.41
N THR A 655 -9.35 -5.17 3.32
CA THR A 655 -10.32 -4.85 4.37
C THR A 655 -11.47 -5.86 4.31
N LEU A 656 -11.87 -6.39 5.46
CA LEU A 656 -13.03 -7.28 5.55
C LEU A 656 -14.20 -6.53 6.18
N PHE A 657 -15.39 -6.76 5.63
CA PHE A 657 -16.59 -5.98 5.95
C PHE A 657 -17.62 -6.92 6.58
N LEU A 658 -17.88 -6.69 7.87
CA LEU A 658 -18.63 -7.64 8.71
C LEU A 658 -19.91 -7.03 9.28
N LYS A 659 -20.77 -7.90 9.82
CA LYS A 659 -21.96 -7.49 10.57
C LYS A 659 -21.85 -8.01 12.01
N ASP A 660 -22.47 -7.30 12.94
CA ASP A 660 -22.56 -7.75 14.34
C ASP A 660 -23.38 -9.03 14.55
N THR A 661 -24.19 -9.41 13.56
CA THR A 661 -24.88 -10.69 13.53
C THR A 661 -23.93 -11.91 13.44
N MET A 662 -22.76 -11.72 12.85
CA MET A 662 -21.79 -12.82 12.67
C MET A 662 -21.20 -13.29 14.00
N THR A 663 -21.02 -14.61 14.12
CA THR A 663 -20.42 -15.22 15.30
C THR A 663 -18.91 -15.42 15.09
N THR A 664 -18.21 -15.75 16.17
CA THR A 664 -16.78 -16.06 16.11
C THR A 664 -16.50 -17.25 15.19
N ARG A 665 -17.40 -18.23 15.19
CA ARG A 665 -17.41 -19.34 14.23
C ARG A 665 -17.39 -18.85 12.78
N ASP A 666 -18.28 -17.91 12.46
CA ASP A 666 -18.38 -17.34 11.12
C ASP A 666 -17.13 -16.56 10.71
N LEU A 667 -16.57 -15.82 11.67
CA LEU A 667 -15.33 -15.06 11.44
C LEU A 667 -14.13 -15.95 11.15
N ASN A 668 -14.00 -17.04 11.92
CA ASN A 668 -12.96 -18.04 11.69
C ASN A 668 -13.09 -18.74 10.33
N ARG A 669 -14.33 -19.00 9.89
CA ARG A 669 -14.56 -19.66 8.59
C ARG A 669 -14.16 -18.78 7.41
N ILE A 670 -14.40 -17.47 7.53
CA ILE A 670 -13.98 -16.48 6.51
C ILE A 670 -12.44 -16.43 6.41
N ASP A 671 -11.78 -16.31 7.56
CA ASP A 671 -10.31 -16.25 7.61
C ASP A 671 -9.64 -17.53 7.12
N LEU A 672 -10.19 -18.68 7.54
CA LEU A 672 -9.67 -19.98 7.08
C LEU A 672 -9.94 -20.23 5.59
N TYR A 673 -11.04 -19.68 5.06
CA TYR A 673 -11.29 -19.74 3.62
C TYR A 673 -10.31 -18.86 2.83
N ALA A 674 -10.05 -17.66 3.36
CA ALA A 674 -9.01 -16.78 2.81
C ALA A 674 -7.67 -17.50 2.77
N HIS A 675 -7.32 -18.17 3.86
CA HIS A 675 -6.11 -18.99 3.91
C HIS A 675 -6.10 -20.07 2.83
N HIS A 676 -7.21 -20.81 2.73
CA HIS A 676 -7.36 -21.89 1.75
C HIS A 676 -7.17 -21.43 0.30
N ARG A 677 -7.73 -20.28 -0.04
CA ARG A 677 -7.65 -19.73 -1.41
C ARG A 677 -6.31 -19.04 -1.74
N GLY A 678 -5.41 -18.94 -0.76
CA GLY A 678 -4.06 -18.41 -0.98
C GLY A 678 -3.91 -16.92 -0.70
N ILE A 679 -4.76 -16.37 0.15
CA ILE A 679 -4.70 -14.95 0.50
C ILE A 679 -3.44 -14.68 1.34
N LYS A 680 -2.68 -13.67 0.93
CA LYS A 680 -1.39 -13.37 1.56
C LYS A 680 -1.56 -12.65 2.89
N THR A 681 -2.41 -11.62 2.92
CA THR A 681 -2.68 -10.86 4.14
C THR A 681 -4.14 -10.44 4.25
N ILE A 682 -4.57 -10.09 5.47
CA ILE A 682 -5.84 -9.39 5.67
C ILE A 682 -5.61 -8.19 6.60
N TYR A 683 -6.31 -7.10 6.29
CA TYR A 683 -6.06 -5.76 6.82
C TYR A 683 -7.10 -5.49 7.93
N TYR A 684 -7.40 -4.21 8.21
CA TYR A 684 -8.39 -3.79 9.22
C TYR A 684 -9.73 -4.51 9.03
N ALA A 685 -10.29 -5.01 10.13
CA ALA A 685 -11.59 -5.68 10.13
C ALA A 685 -12.67 -4.66 10.43
N ARG A 686 -13.57 -4.44 9.46
CA ARG A 686 -14.58 -3.41 9.52
C ARG A 686 -15.94 -4.02 9.88
N THR A 687 -16.57 -3.52 10.94
CA THR A 687 -17.93 -3.96 11.33
C THR A 687 -18.88 -2.77 11.23
N LYS A 688 -20.08 -3.01 10.69
CA LYS A 688 -21.03 -1.93 10.38
C LYS A 688 -21.64 -1.33 11.65
O5' D5M B . -15.14 27.19 -14.67
C5' D5M B . -14.79 28.56 -14.38
C4' D5M B . -13.62 28.62 -13.43
O4' D5M B . -13.94 27.87 -12.23
C3' D5M B . -12.33 28.01 -13.97
O3' D5M B . -11.19 28.69 -13.44
C2' D5M B . -12.38 26.58 -13.47
C1' D5M B . -13.18 26.67 -12.18
N9 D5M B . -14.10 25.56 -11.97
C8 D5M B . -15.48 25.59 -11.91
N7 D5M B . -16.03 24.41 -11.69
C5 D5M B . -14.93 23.56 -11.62
C6 D5M B . -14.84 22.17 -11.40
N6 D5M B . -15.89 21.37 -11.23
N1 D5M B . -13.61 21.62 -11.38
C2 D5M B . -12.55 22.42 -11.56
N3 D5M B . -12.50 23.74 -11.77
C4 D5M B . -13.75 24.25 -11.78
P D5M B . -16.27 26.82 -15.74
O1P D5M B . -16.17 25.37 -16.01
O3P D5M B . -17.55 27.07 -15.02
O2P D5M B . -16.18 27.79 -16.86
P PO4 C . -13.03 28.92 -18.50
O1 PO4 C . -12.37 29.39 -17.22
O2 PO4 C . -14.09 29.92 -18.90
O3 PO4 C . -13.69 27.58 -18.29
O4 PO4 C . -11.97 28.82 -19.58
C1 EDO D . -23.74 -9.05 -13.91
O1 EDO D . -22.99 -9.11 -12.70
C2 EDO D . -22.88 -9.50 -15.08
O2 EDO D . -22.93 -8.53 -16.12
C1 EDO E . -12.42 -11.98 11.26
O1 EDO E . -11.13 -12.06 11.85
C2 EDO E . -12.45 -10.95 10.14
O2 EDO E . -11.28 -11.10 9.34
C1 EDO F . 17.36 22.59 -4.88
O1 EDO F . 17.49 22.42 -6.29
C2 EDO F . 18.73 22.49 -4.23
O2 EDO F . 19.56 23.54 -4.74
#